data_7F16
#
_entry.id   7F16
#
_cell.length_a   1.00
_cell.length_b   1.00
_cell.length_c   1.00
_cell.angle_alpha   90.00
_cell.angle_beta   90.00
_cell.angle_gamma   90.00
#
_symmetry.space_group_name_H-M   'P 1'
#
loop_
_entity.id
_entity.type
_entity.pdbx_description
1 polymer 'Parathyroid hormone 2 receptor'
2 polymer 'Tuberoinfundibular peptide of 39 residues'
3 polymer 'Guanine nucleotide-binding protein G(s) subunit alpha isoforms short'
4 polymer 'Guanine nucleotide-binding protein G(I)/G(S)/G(T) subunit beta-1'
5 polymer 'Guanine nucleotide-binding protein G(I)/G(S)/G(O) subunit gamma-2'
6 polymer Nanobody-35
7 non-polymer CHOLESTEROL
8 non-polymer 'PALMITIC ACID'
#
loop_
_entity_poly.entity_id
_entity_poly.type
_entity_poly.pdbx_seq_one_letter_code
_entity_poly.pdbx_strand_id
1 'polypeptide(L)'
;MKTIIALSYIFCLVFAQLDSDGTITIEEQIVLVLKAKVQCELNITAQLQEGEGNCFPEWDGLICWPRGTVGKISAVPCPP
YIYDFNHKGVAFRHCNPNGTWDFMHSLNKTWANYSDCLRFLQPDISIGKQEFFERLYVMYTVGYSISFGSLAVAILIIGY
FRRLHCTRNYIHMHLFVSFMLRATSIFVKDRVVHAHIGVKELESLIMQDDPQNSIEATSVDKSQYIGCKIAVVMFIYFLA
TNYYWILVEGLYLHNLIFVAFFSDTKYLWGFILIGWGFPAAFVAAWAVARATLADARCWELSAGDIKWIYQAPILAAIGL
NFILFLNTVRVLATKIWETNAVGHDTRKQYRKLAKSTLVLVLVFGVHYIVFVCLPHSFTGLGWEIRMHCELFFNSFQGFF
VSIIYCYCNGEVQAEVKKMWSRWNLSVDWKRTPP
;
R
2 'polypeptide(L)' SLALADDAAFRERARLLAALERRHWLNSYMHKLLVLDAP P
3 'polypeptide(L)'
;MGCLGNSKTEDQRNEEKAQREANKKIEKQLQKDKQVYRATHRLLLLGAGESGKNTIVKQMRILHVNGFNGEGGEEDPQAA
RSNSDGEKATKVQDIKNNLKEAIETIVAAMSNLVPPVELANPENQFRVDYILSVMNVPDFDFPPEFYEHAKALWEDEGVR
ACYERSNEYQLIDCAQYFLDKIDVIKQADYVPSDQDLLRCRVLTSGIFETKFQVDKVNFHMFDVGAQRDERRKWIQCFND
VTAIIFVVASSSYNMVIREDNQTNRLQAALKLFDSIWNNKWLRDTSVILFLNKQDLLAEKVLAGKSKIEDYFPEFARYTT
PEDATPEPGEDPRVTRAKYFIRDEFLRISTASGDGRHYCYPHFTCAVDTENIRRVFNDCRDIIQRMHLRQYELL
;
A
4 'polypeptide(L)'
;MGSLLQSELDQLRQEAEQLKNQIRDARKACADATLSQITNNIDPVGRIQMRTRRTLRGHLAKIYAMHWGTDSRLLVSASQ
DGKLIIWDSYTTNKVHAIPLRSSWVMTCAYAPSGNYVACGGLDNICSIYNLKTREGNVRVSRELAGHTGYLSCCRFLDDN
QIVTSSGDTTCALWDIETGQQTTTFTGHTGDVMSLSLAPDTRLFVSGACDASAKLWDVREGMCRQTFTGHESDINAICFF
PNGNAFATGSDDATCRLFDLRADQELMTYSHDNIICGITSVSFSKSGRLLLAGYDDFNCNVWDALKADRAGVLAGHDNRV
SCLGVTDDGMAVATGSWDSFLKIWNGSSGGGGSGGGGSSGVSGWRLFKKIS
;
B
5 'polypeptide(L)' MASNNTASIAQARKLVEQLKMEANIDRIKVSKAAADLMAYCEAHAKEDPLLTPVPASENPFREKKFFCAIL G
6 'polypeptide(L)'
;MAQVQLQESGGGLVQPGGSLRLSCAASGFTFSNYKMNWVRQAPGKGLEWVSDISQSGASISYTGSVKGRFTISRDNAKNT
LYLQMNSLKPEDTAVYYCARCPAPFTRDCFDVTSTTYAYRGQGTQVTVSSHHHHHHEPEA
;
N
#
loop_
_chem_comp.id
_chem_comp.type
_chem_comp.name
_chem_comp.formula
CLR non-polymer CHOLESTEROL 'C27 H46 O'
PLM non-polymer 'PALMITIC ACID' 'C16 H32 O2'
#
# COMPACT_ATOMS: atom_id res chain seq x y z
N THR A 23 -5.20 -40.62 -40.74
CA THR A 23 -6.06 -39.69 -40.03
C THR A 23 -7.53 -39.99 -40.30
N ILE A 24 -7.77 -41.03 -41.10
CA ILE A 24 -9.13 -41.41 -41.46
C ILE A 24 -9.84 -41.98 -40.24
N THR A 25 -11.07 -41.53 -40.00
CA THR A 25 -11.88 -42.02 -38.89
C THR A 25 -12.33 -43.45 -39.19
N ILE A 26 -12.44 -44.25 -38.11
CA ILE A 26 -12.93 -45.63 -38.22
C ILE A 26 -14.34 -45.69 -38.82
N GLU A 27 -15.26 -44.83 -38.35
CA GLU A 27 -16.58 -44.67 -38.94
C GLU A 27 -16.50 -44.33 -40.42
N GLU A 28 -15.63 -43.39 -40.77
CA GLU A 28 -15.43 -43.02 -42.18
C GLU A 28 -14.84 -44.18 -42.97
N GLN A 29 -13.99 -44.99 -42.33
CA GLN A 29 -13.45 -46.18 -42.99
C GLN A 29 -14.56 -47.19 -43.28
N ILE A 30 -15.50 -47.36 -42.34
CA ILE A 30 -16.64 -48.25 -42.56
C ILE A 30 -17.52 -47.73 -43.70
N VAL A 31 -17.70 -46.41 -43.76
CA VAL A 31 -18.44 -45.78 -44.87
C VAL A 31 -17.75 -46.06 -46.20
N LEU A 32 -16.43 -45.85 -46.26
CA LEU A 32 -15.64 -46.19 -47.45
C LEU A 32 -15.76 -47.65 -47.87
N VAL A 33 -15.75 -48.57 -46.88
CA VAL A 33 -15.89 -49.99 -47.19
C VAL A 33 -17.28 -50.30 -47.77
N LEU A 34 -18.33 -49.69 -47.21
CA LEU A 34 -19.68 -49.88 -47.74
C LEU A 34 -19.82 -49.30 -49.15
N LYS A 35 -19.23 -48.12 -49.39
CA LYS A 35 -19.26 -47.52 -50.72
C LYS A 35 -18.50 -48.36 -51.74
N ALA A 36 -17.35 -48.92 -51.33
CA ALA A 36 -16.60 -49.82 -52.21
C ALA A 36 -17.39 -51.10 -52.50
N LYS A 37 -18.14 -51.59 -51.51
CA LYS A 37 -19.02 -52.74 -51.70
C LYS A 37 -20.10 -52.43 -52.73
N VAL A 38 -20.73 -51.26 -52.63
CA VAL A 38 -21.78 -50.86 -53.57
C VAL A 38 -21.21 -50.69 -54.98
N GLN A 39 -20.05 -50.04 -55.10
CA GLN A 39 -19.42 -49.85 -56.41
C GLN A 39 -18.98 -51.17 -57.04
N CYS A 40 -18.48 -52.10 -56.22
CA CYS A 40 -18.08 -53.40 -56.75
C CYS A 40 -19.30 -54.22 -57.17
N GLU A 41 -20.37 -54.17 -56.38
CA GLU A 41 -21.64 -54.80 -56.75
C GLU A 41 -22.19 -54.24 -58.05
N LEU A 42 -22.01 -52.94 -58.27
CA LEU A 42 -22.40 -52.36 -59.55
C LEU A 42 -21.50 -52.84 -60.68
N ASN A 43 -20.21 -53.01 -60.41
CA ASN A 43 -19.26 -53.50 -61.40
C ASN A 43 -19.53 -54.96 -61.79
N ILE A 44 -20.08 -55.75 -60.86
CA ILE A 44 -20.44 -57.15 -61.10
C ILE A 44 -21.37 -57.30 -62.31
N THR A 45 -22.35 -56.40 -62.43
CA THR A 45 -23.38 -56.50 -63.48
C THR A 45 -22.77 -56.39 -64.88
N ALA A 46 -21.73 -55.58 -65.04
CA ALA A 46 -21.13 -55.34 -66.36
C ALA A 46 -20.48 -56.59 -66.95
N GLN A 47 -19.78 -57.37 -66.13
CA GLN A 47 -18.98 -58.49 -66.63
C GLN A 47 -19.45 -59.86 -66.18
N LEU A 48 -20.47 -59.94 -65.32
CA LEU A 48 -20.95 -61.24 -64.84
C LEU A 48 -21.63 -62.04 -65.94
N GLN A 49 -22.34 -61.34 -66.84
CA GLN A 49 -23.19 -62.00 -67.84
C GLN A 49 -22.37 -62.83 -68.84
N GLU A 50 -21.21 -62.31 -69.26
CA GLU A 50 -20.41 -63.01 -70.26
C GLU A 50 -19.82 -64.31 -69.71
N GLY A 51 -19.14 -64.24 -68.58
CA GLY A 51 -18.59 -65.43 -67.94
C GLY A 51 -17.36 -66.00 -68.62
N GLU A 52 -16.74 -66.98 -67.98
CA GLU A 52 -15.57 -67.67 -68.54
C GLU A 52 -15.42 -69.00 -67.81
N GLY A 53 -14.74 -69.94 -68.47
CA GLY A 53 -14.39 -71.20 -67.82
C GLY A 53 -13.47 -71.03 -66.62
N ASN A 54 -12.62 -70.01 -66.66
CA ASN A 54 -11.76 -69.64 -65.53
C ASN A 54 -12.55 -69.28 -64.28
N CYS A 55 -11.85 -69.26 -63.14
CA CYS A 55 -12.40 -68.92 -61.82
C CYS A 55 -13.22 -67.63 -61.83
N PHE A 56 -14.39 -67.70 -61.17
CA PHE A 56 -15.36 -66.61 -61.22
C PHE A 56 -14.90 -65.44 -60.37
N PRO A 57 -14.97 -64.20 -60.88
CA PRO A 57 -14.68 -63.03 -60.06
C PRO A 57 -15.68 -62.85 -58.93
N GLU A 58 -15.25 -62.19 -57.87
CA GLU A 58 -16.06 -62.13 -56.65
C GLU A 58 -15.68 -60.90 -55.83
N TRP A 59 -16.52 -60.64 -54.83
CA TRP A 59 -16.29 -59.62 -53.81
C TRP A 59 -16.34 -60.28 -52.43
N ASP A 60 -15.23 -60.21 -51.70
CA ASP A 60 -15.12 -60.85 -50.40
C ASP A 60 -15.17 -59.85 -49.25
N GLY A 61 -15.45 -58.58 -49.53
CA GLY A 61 -15.48 -57.55 -48.51
C GLY A 61 -14.29 -56.62 -48.51
N LEU A 62 -13.21 -56.97 -49.20
CA LEU A 62 -12.08 -56.05 -49.26
C LEU A 62 -11.63 -55.74 -50.68
N ILE A 63 -11.56 -56.75 -51.55
CA ILE A 63 -10.99 -56.61 -52.89
C ILE A 63 -11.99 -57.17 -53.89
N CYS A 64 -12.06 -56.52 -55.07
CA CYS A 64 -12.81 -57.07 -56.21
C CYS A 64 -11.84 -57.95 -56.98
N TRP A 65 -12.06 -59.26 -56.94
CA TRP A 65 -11.09 -60.14 -57.54
C TRP A 65 -11.34 -60.27 -59.04
N PRO A 66 -10.30 -60.51 -59.85
CA PRO A 66 -10.52 -60.70 -61.29
C PRO A 66 -10.74 -62.15 -61.64
N ARG A 67 -10.99 -62.41 -62.93
CA ARG A 67 -11.15 -63.76 -63.45
C ARG A 67 -9.85 -64.55 -63.33
N GLY A 68 -9.84 -65.56 -62.46
CA GLY A 68 -8.64 -66.28 -62.13
C GLY A 68 -8.25 -67.37 -63.11
N THR A 69 -7.11 -67.19 -63.77
CA THR A 69 -6.58 -68.16 -64.73
C THR A 69 -6.34 -69.52 -64.06
N VAL A 70 -6.66 -70.58 -64.79
CA VAL A 70 -6.53 -71.96 -64.31
C VAL A 70 -5.06 -72.29 -64.08
N GLY A 71 -4.74 -72.73 -62.86
CA GLY A 71 -3.42 -73.21 -62.52
C GLY A 71 -2.41 -72.15 -62.15
N LYS A 72 -2.79 -70.87 -62.14
CA LYS A 72 -1.88 -69.78 -61.84
C LYS A 72 -2.38 -69.01 -60.64
N ILE A 73 -1.44 -68.60 -59.78
CA ILE A 73 -1.77 -67.72 -58.66
C ILE A 73 -2.01 -66.31 -59.19
N SER A 74 -3.10 -65.69 -58.76
CA SER A 74 -3.37 -64.29 -59.08
C SER A 74 -2.93 -63.42 -57.91
N ALA A 75 -2.15 -62.39 -58.23
CA ALA A 75 -1.63 -61.45 -57.23
C ALA A 75 -2.20 -60.08 -57.54
N VAL A 76 -3.02 -59.57 -56.63
CA VAL A 76 -3.75 -58.31 -56.83
C VAL A 76 -3.16 -57.27 -55.88
N PRO A 77 -2.79 -56.09 -56.37
CA PRO A 77 -2.36 -55.00 -55.48
C PRO A 77 -3.38 -54.65 -54.40
N CYS A 78 -2.86 -54.30 -53.22
CA CYS A 78 -3.70 -53.95 -52.08
C CYS A 78 -4.51 -52.69 -52.41
N PRO A 79 -5.76 -52.60 -51.96
CA PRO A 79 -6.66 -51.57 -52.50
C PRO A 79 -6.31 -50.19 -51.97
N PRO A 80 -6.48 -49.15 -52.78
CA PRO A 80 -5.99 -47.81 -52.42
C PRO A 80 -6.94 -46.96 -51.58
N TYR A 81 -8.02 -47.53 -51.03
CA TYR A 81 -8.91 -46.78 -50.16
C TYR A 81 -8.76 -47.18 -48.70
N ILE A 82 -7.70 -47.92 -48.37
CA ILE A 82 -7.39 -48.30 -46.99
C ILE A 82 -6.09 -47.59 -46.62
N TYR A 83 -6.14 -46.79 -45.54
CA TYR A 83 -4.97 -46.04 -45.11
C TYR A 83 -3.85 -46.96 -44.60
N ASP A 84 -4.22 -48.03 -43.90
CA ASP A 84 -3.26 -48.86 -43.17
C ASP A 84 -2.71 -50.01 -44.01
N PHE A 85 -2.87 -49.99 -45.33
CA PHE A 85 -2.34 -51.04 -46.18
C PHE A 85 -1.13 -50.54 -46.96
N ASN A 86 -0.21 -51.46 -47.25
CA ASN A 86 0.91 -51.19 -48.14
C ASN A 86 0.42 -51.31 -49.57
N HIS A 87 0.40 -50.18 -50.29
CA HIS A 87 -0.08 -50.15 -51.68
C HIS A 87 0.79 -51.00 -52.60
N LYS A 88 2.08 -51.14 -52.30
CA LYS A 88 2.99 -51.89 -53.15
C LYS A 88 2.82 -53.39 -53.02
N GLY A 89 2.24 -53.87 -51.93
CA GLY A 89 2.10 -55.30 -51.71
C GLY A 89 1.06 -55.95 -52.62
N VAL A 90 1.10 -57.28 -52.66
CA VAL A 90 0.20 -58.07 -53.48
C VAL A 90 -0.47 -59.15 -52.64
N ALA A 91 -1.78 -59.31 -52.83
CA ALA A 91 -2.57 -60.38 -52.24
C ALA A 91 -2.59 -61.58 -53.17
N PHE A 92 -2.16 -62.73 -52.67
CA PHE A 92 -2.07 -63.96 -53.46
C PHE A 92 -3.31 -64.82 -53.28
N ARG A 93 -3.88 -65.30 -54.39
CA ARG A 93 -4.94 -66.30 -54.32
C ARG A 93 -4.84 -67.26 -55.50
N HIS A 94 -4.90 -68.56 -55.22
CA HIS A 94 -4.74 -69.60 -56.21
C HIS A 94 -6.09 -70.03 -56.80
N CYS A 95 -6.07 -70.44 -58.07
CA CYS A 95 -7.22 -70.97 -58.78
C CYS A 95 -6.93 -72.40 -59.24
N ASN A 96 -7.80 -73.33 -58.83
CA ASN A 96 -7.61 -74.75 -59.14
C ASN A 96 -8.11 -75.04 -60.55
N PRO A 97 -7.83 -76.23 -61.12
CA PRO A 97 -8.41 -76.55 -62.43
C PRO A 97 -9.91 -76.84 -62.44
N ASN A 98 -10.62 -76.73 -61.32
CA ASN A 98 -12.05 -76.97 -61.28
C ASN A 98 -12.86 -75.68 -61.33
N GLY A 99 -12.21 -74.54 -61.53
CA GLY A 99 -12.91 -73.28 -61.74
C GLY A 99 -13.46 -72.62 -60.50
N THR A 100 -13.04 -73.04 -59.31
CA THR A 100 -13.45 -72.43 -58.05
C THR A 100 -12.22 -71.90 -57.32
N TRP A 101 -12.42 -70.87 -56.51
CA TRP A 101 -11.34 -70.43 -55.64
C TRP A 101 -11.07 -71.46 -54.56
N ASP A 102 -9.80 -71.62 -54.20
CA ASP A 102 -9.40 -72.63 -53.23
C ASP A 102 -9.92 -72.31 -51.84
N PHE A 103 -10.47 -73.32 -51.18
CA PHE A 103 -10.96 -73.23 -49.81
C PHE A 103 -9.93 -73.78 -48.84
N MET A 104 -9.96 -73.28 -47.61
CA MET A 104 -8.99 -73.69 -46.61
C MET A 104 -9.28 -75.10 -46.12
N HIS A 105 -8.24 -75.75 -45.60
CA HIS A 105 -8.36 -77.11 -45.08
C HIS A 105 -9.19 -77.15 -43.80
N SER A 106 -9.07 -76.11 -42.97
CA SER A 106 -9.73 -76.10 -41.65
C SER A 106 -11.24 -76.05 -41.77
N LEU A 107 -11.75 -75.15 -42.62
CA LEU A 107 -13.19 -74.91 -42.73
C LEU A 107 -13.47 -74.36 -44.12
N ASN A 108 -14.76 -74.14 -44.41
CA ASN A 108 -15.23 -73.65 -45.70
C ASN A 108 -15.03 -72.13 -45.81
N LYS A 109 -13.76 -71.71 -45.76
CA LYS A 109 -13.37 -70.34 -45.98
C LYS A 109 -12.39 -70.27 -47.16
N THR A 110 -12.56 -69.26 -48.00
CA THR A 110 -11.69 -69.05 -49.16
C THR A 110 -10.26 -68.74 -48.69
N TRP A 111 -9.30 -69.50 -49.21
CA TRP A 111 -7.90 -69.27 -48.89
C TRP A 111 -7.38 -68.03 -49.62
N ALA A 112 -6.54 -67.27 -48.92
CA ALA A 112 -5.89 -66.08 -49.48
C ALA A 112 -4.66 -65.77 -48.65
N ASN A 113 -3.73 -65.04 -49.26
CA ASN A 113 -2.51 -64.58 -48.59
C ASN A 113 -2.51 -63.06 -48.65
N TYR A 114 -2.66 -62.43 -47.48
CA TYR A 114 -2.73 -60.99 -47.33
C TYR A 114 -1.55 -60.42 -46.54
N SER A 115 -0.45 -61.18 -46.46
CA SER A 115 0.71 -60.79 -45.65
C SER A 115 1.38 -59.52 -46.15
N ASP A 116 1.43 -59.33 -47.47
CA ASP A 116 2.11 -58.19 -48.07
C ASP A 116 1.45 -56.85 -47.73
N CYS A 117 0.13 -56.85 -47.51
CA CYS A 117 -0.57 -55.59 -47.21
C CYS A 117 -0.19 -55.04 -45.83
N LEU A 118 -0.06 -55.91 -44.83
CA LEU A 118 0.10 -55.50 -43.43
C LEU A 118 1.54 -55.67 -42.95
N ARG A 119 2.33 -54.60 -43.03
CA ARG A 119 3.65 -54.58 -42.41
C ARG A 119 3.52 -54.47 -40.89
N PHE A 120 4.44 -55.11 -40.18
CA PHE A 120 4.42 -55.17 -38.72
C PHE A 120 5.19 -54.03 -38.04
N LEU A 121 5.84 -53.14 -38.80
CA LEU A 121 6.59 -52.04 -38.19
C LEU A 121 5.65 -51.01 -37.56
N GLN A 122 4.53 -50.74 -38.23
CA GLN A 122 3.58 -49.73 -37.77
C GLN A 122 2.94 -50.03 -36.40
N PRO A 123 2.52 -51.26 -36.04
CA PRO A 123 2.07 -51.46 -34.65
C PRO A 123 3.14 -51.22 -33.61
N ASP A 124 4.41 -51.54 -33.90
CA ASP A 124 5.49 -51.27 -32.96
C ASP A 124 5.68 -49.77 -32.76
N ILE A 125 5.61 -49.01 -33.87
CA ILE A 125 5.72 -47.55 -33.79
C ILE A 125 4.54 -46.97 -33.00
N SER A 126 3.34 -47.52 -33.22
CA SER A 126 2.16 -47.08 -32.50
C SER A 126 2.25 -47.36 -31.00
N ILE A 127 2.78 -48.54 -30.63
CA ILE A 127 2.95 -48.88 -29.21
C ILE A 127 3.97 -47.95 -28.55
N GLY A 128 5.08 -47.65 -29.25
CA GLY A 128 6.07 -46.73 -28.69
C GLY A 128 5.52 -45.33 -28.50
N LYS A 129 4.77 -44.84 -29.49
CA LYS A 129 4.14 -43.52 -29.39
C LYS A 129 3.10 -43.50 -28.27
N GLN A 130 2.33 -44.60 -28.13
CA GLN A 130 1.32 -44.68 -27.08
C GLN A 130 1.96 -44.64 -25.69
N GLU A 131 3.09 -45.33 -25.51
CA GLU A 131 3.82 -45.28 -24.25
C GLU A 131 4.32 -43.86 -23.97
N PHE A 132 4.79 -43.17 -25.03
CA PHE A 132 5.20 -41.78 -24.90
C PHE A 132 4.04 -40.88 -24.45
N PHE A 133 2.85 -41.07 -25.04
CA PHE A 133 1.69 -40.28 -24.64
C PHE A 133 1.25 -40.59 -23.21
N GLU A 134 1.36 -41.86 -22.79
CA GLU A 134 1.00 -42.21 -21.42
C GLU A 134 1.93 -41.55 -20.40
N ARG A 135 3.25 -41.58 -20.67
CA ARG A 135 4.20 -40.92 -19.78
C ARG A 135 3.98 -39.40 -19.76
N LEU A 136 3.70 -38.83 -20.94
CA LEU A 136 3.42 -37.41 -21.06
C LEU A 136 2.15 -37.03 -20.30
N TYR A 137 1.13 -37.88 -20.37
CA TYR A 137 -0.13 -37.66 -19.67
C TYR A 137 0.08 -37.67 -18.17
N VAL A 138 0.91 -38.59 -17.67
CA VAL A 138 1.23 -38.63 -16.25
C VAL A 138 1.96 -37.36 -15.83
N MET A 139 2.88 -36.87 -16.69
CA MET A 139 3.65 -35.66 -16.38
C MET A 139 2.75 -34.42 -16.29
N TYR A 140 1.83 -34.24 -17.25
CA TYR A 140 1.02 -33.03 -17.14
C TYR A 140 -0.13 -33.19 -16.15
N THR A 141 -0.58 -34.43 -15.89
CA THR A 141 -1.53 -34.66 -14.80
C THR A 141 -0.95 -34.26 -13.46
N VAL A 142 0.32 -34.63 -13.20
CA VAL A 142 1.01 -34.21 -11.97
C VAL A 142 1.18 -32.70 -11.92
N GLY A 143 1.57 -32.09 -13.04
CA GLY A 143 1.77 -30.64 -13.06
C GLY A 143 0.48 -29.85 -12.86
N TYR A 144 -0.61 -30.31 -13.45
CA TYR A 144 -1.91 -29.67 -13.26
C TYR A 144 -2.48 -29.94 -11.87
N SER A 145 -2.14 -31.07 -11.25
CA SER A 145 -2.52 -31.31 -9.87
C SER A 145 -1.82 -30.33 -8.92
N ILE A 146 -0.52 -30.11 -9.13
CA ILE A 146 0.23 -29.16 -8.32
C ILE A 146 -0.29 -27.74 -8.54
N SER A 147 -0.59 -27.38 -9.80
CA SER A 147 -1.09 -26.05 -10.09
C SER A 147 -2.53 -25.84 -9.60
N PHE A 148 -3.31 -26.91 -9.45
CA PHE A 148 -4.62 -26.78 -8.81
C PHE A 148 -4.49 -26.59 -7.31
N GLY A 149 -3.63 -27.41 -6.68
CA GLY A 149 -3.51 -27.40 -5.24
C GLY A 149 -2.88 -26.13 -4.69
N SER A 150 -1.92 -25.55 -5.42
CA SER A 150 -1.31 -24.32 -4.93
C SER A 150 -2.22 -23.11 -5.13
N LEU A 151 -3.07 -23.14 -6.17
CA LEU A 151 -3.89 -21.99 -6.48
C LEU A 151 -5.22 -21.97 -5.74
N ALA A 152 -5.69 -23.12 -5.26
CA ALA A 152 -6.79 -23.10 -4.29
C ALA A 152 -6.37 -22.38 -3.01
N VAL A 153 -5.15 -22.68 -2.53
CA VAL A 153 -4.60 -22.00 -1.37
C VAL A 153 -4.36 -20.52 -1.66
N ALA A 154 -3.88 -20.21 -2.87
CA ALA A 154 -3.63 -18.81 -3.25
C ALA A 154 -4.90 -17.99 -3.28
N ILE A 155 -5.97 -18.53 -3.87
CA ILE A 155 -7.26 -17.83 -3.89
C ILE A 155 -7.83 -17.70 -2.49
N LEU A 156 -7.65 -18.72 -1.64
CA LEU A 156 -8.10 -18.63 -0.24
C LEU A 156 -7.39 -17.52 0.52
N ILE A 157 -6.06 -17.42 0.36
CA ILE A 157 -5.27 -16.40 1.05
C ILE A 157 -5.64 -15.00 0.56
N ILE A 158 -5.76 -14.82 -0.75
CA ILE A 158 -6.04 -13.48 -1.29
C ILE A 158 -7.48 -13.06 -0.98
N GLY A 159 -8.43 -13.98 -1.07
CA GLY A 159 -9.82 -13.64 -0.78
C GLY A 159 -10.08 -13.41 0.69
N TYR A 160 -9.38 -14.13 1.57
CA TYR A 160 -9.59 -13.98 3.01
C TYR A 160 -9.14 -12.60 3.51
N PHE A 161 -8.02 -12.10 2.99
CA PHE A 161 -7.43 -10.87 3.51
C PHE A 161 -8.18 -9.66 2.97
N ARG A 162 -8.74 -8.86 3.89
CA ARG A 162 -9.56 -7.71 3.51
C ARG A 162 -8.75 -6.60 2.84
N ARG A 163 -7.53 -6.34 3.35
CA ARG A 163 -6.71 -5.24 2.82
C ARG A 163 -6.25 -5.51 1.40
N LEU A 164 -6.03 -6.76 1.03
CA LEU A 164 -5.49 -7.09 -0.28
C LEU A 164 -6.53 -7.01 -1.39
N HIS A 165 -7.77 -6.60 -1.11
CA HIS A 165 -8.75 -6.38 -2.16
C HIS A 165 -8.42 -5.08 -2.89
N CYS A 166 -7.99 -5.21 -4.14
CA CYS A 166 -7.66 -4.08 -4.98
C CYS A 166 -7.89 -4.51 -6.42
N THR A 167 -7.86 -3.53 -7.34
CA THR A 167 -8.13 -3.80 -8.75
C THR A 167 -7.08 -4.74 -9.36
N ARG A 168 -5.80 -4.53 -9.01
CA ARG A 168 -4.72 -5.39 -9.46
C ARG A 168 -4.91 -6.82 -8.97
N ASN A 169 -5.14 -6.98 -7.66
CA ASN A 169 -5.39 -8.30 -7.09
C ASN A 169 -6.70 -8.90 -7.58
N TYR A 170 -7.69 -8.08 -7.93
CA TYR A 170 -8.92 -8.58 -8.52
C TYR A 170 -8.67 -9.21 -9.89
N ILE A 171 -7.82 -8.55 -10.70
CA ILE A 171 -7.44 -9.12 -12.00
C ILE A 171 -6.61 -10.40 -11.80
N HIS A 172 -5.73 -10.41 -10.79
CA HIS A 172 -4.97 -11.63 -10.50
C HIS A 172 -5.87 -12.76 -10.00
N MET A 173 -6.92 -12.43 -9.24
CA MET A 173 -7.90 -13.44 -8.84
C MET A 173 -8.66 -13.99 -10.05
N HIS A 174 -9.00 -13.14 -11.02
CA HIS A 174 -9.56 -13.62 -12.28
C HIS A 174 -8.63 -14.59 -12.99
N LEU A 175 -7.34 -14.23 -13.08
CA LEU A 175 -6.31 -15.11 -13.63
C LEU A 175 -6.26 -16.45 -12.89
N PHE A 176 -6.31 -16.41 -11.56
CA PHE A 176 -6.18 -17.64 -10.76
C PHE A 176 -7.41 -18.52 -10.90
N VAL A 177 -8.60 -17.91 -10.97
CA VAL A 177 -9.83 -18.67 -11.24
C VAL A 177 -9.77 -19.29 -12.63
N SER A 178 -9.19 -18.58 -13.60
CA SER A 178 -9.01 -19.15 -14.93
C SER A 178 -8.00 -20.31 -14.93
N PHE A 179 -6.95 -20.19 -14.11
CA PHE A 179 -5.98 -21.27 -13.91
C PHE A 179 -6.66 -22.54 -13.36
N MET A 180 -7.43 -22.38 -12.28
CA MET A 180 -8.09 -23.53 -11.66
C MET A 180 -9.17 -24.12 -12.56
N LEU A 181 -9.93 -23.28 -13.26
CA LEU A 181 -10.92 -23.79 -14.19
C LEU A 181 -10.28 -24.47 -15.39
N ARG A 182 -9.10 -24.01 -15.84
CA ARG A 182 -8.35 -24.71 -16.88
C ARG A 182 -7.90 -26.09 -16.40
N ALA A 183 -7.38 -26.18 -15.18
CA ALA A 183 -6.93 -27.47 -14.64
C ALA A 183 -8.09 -28.44 -14.47
N THR A 184 -9.22 -27.94 -13.91
CA THR A 184 -10.41 -28.77 -13.75
C THR A 184 -10.98 -29.19 -15.10
N SER A 185 -10.89 -28.30 -16.10
CA SER A 185 -11.26 -28.64 -17.47
C SER A 185 -10.39 -29.74 -18.03
N ILE A 186 -9.08 -29.72 -17.73
CA ILE A 186 -8.19 -30.79 -18.19
C ILE A 186 -8.59 -32.14 -17.59
N PHE A 187 -8.82 -32.16 -16.27
CA PHE A 187 -9.16 -33.44 -15.61
C PHE A 187 -10.51 -33.98 -16.08
N VAL A 188 -11.54 -33.10 -16.13
CA VAL A 188 -12.86 -33.52 -16.58
C VAL A 188 -12.84 -33.91 -18.06
N LYS A 189 -12.09 -33.17 -18.88
CA LYS A 189 -11.98 -33.48 -20.30
C LYS A 189 -11.33 -34.83 -20.53
N ASP A 190 -10.24 -35.11 -19.82
CA ASP A 190 -9.53 -36.38 -19.98
C ASP A 190 -10.40 -37.56 -19.55
N ARG A 191 -11.04 -37.45 -18.38
CA ARG A 191 -11.88 -38.55 -17.89
C ARG A 191 -13.11 -38.77 -18.77
N VAL A 192 -13.79 -37.68 -19.16
CA VAL A 192 -15.00 -37.80 -19.97
C VAL A 192 -14.69 -38.31 -21.38
N VAL A 193 -13.62 -37.80 -22.01
CA VAL A 193 -13.23 -38.27 -23.35
C VAL A 193 -12.79 -39.73 -23.30
N HIS A 194 -12.06 -40.14 -22.24
CA HIS A 194 -11.69 -41.54 -22.10
C HIS A 194 -12.90 -42.43 -21.89
N ALA A 195 -13.90 -41.94 -21.16
CA ALA A 195 -15.12 -42.73 -20.92
C ALA A 195 -15.96 -42.89 -22.19
N HIS A 196 -16.06 -41.84 -23.02
CA HIS A 196 -16.94 -41.90 -24.19
C HIS A 196 -16.48 -42.89 -25.26
N ILE A 197 -15.19 -43.18 -25.37
CA ILE A 197 -14.73 -43.95 -26.52
C ILE A 197 -14.96 -45.43 -26.25
N GLY A 198 -16.20 -45.88 -26.52
CA GLY A 198 -16.54 -47.29 -26.46
C GLY A 198 -16.35 -47.99 -27.79
N VAL A 199 -16.52 -49.32 -27.76
CA VAL A 199 -16.45 -50.12 -28.98
C VAL A 199 -17.65 -49.82 -29.86
N LYS A 200 -17.40 -49.57 -31.14
CA LYS A 200 -18.46 -49.39 -32.14
C LYS A 200 -18.16 -50.29 -33.33
N GLU A 201 -19.04 -51.24 -33.59
CA GLU A 201 -18.87 -52.18 -34.69
C GLU A 201 -20.19 -52.36 -35.42
N LEU A 202 -20.12 -52.33 -36.75
CA LEU A 202 -21.28 -52.54 -37.62
C LEU A 202 -21.04 -53.76 -38.49
N GLU A 203 -22.01 -54.66 -38.54
CA GLU A 203 -21.90 -55.88 -39.34
C GLU A 203 -22.40 -55.63 -40.76
N SER A 223 -20.67 -42.68 -29.32
CA SER A 223 -19.59 -41.76 -29.04
C SER A 223 -19.88 -40.36 -29.55
N GLN A 224 -21.04 -40.22 -30.21
CA GLN A 224 -21.47 -38.96 -30.80
C GLN A 224 -22.18 -38.06 -29.79
N TYR A 225 -22.38 -38.55 -28.56
CA TYR A 225 -23.15 -37.84 -27.55
C TYR A 225 -22.41 -36.61 -27.05
N ILE A 226 -23.20 -35.69 -26.47
CA ILE A 226 -22.84 -34.28 -26.34
C ILE A 226 -21.67 -34.05 -25.38
N GLY A 227 -21.50 -34.93 -24.38
CA GLY A 227 -20.44 -34.77 -23.38
C GLY A 227 -19.04 -34.72 -23.95
N CYS A 228 -18.76 -35.56 -24.96
CA CYS A 228 -17.45 -35.55 -25.60
C CYS A 228 -17.18 -34.23 -26.32
N LYS A 229 -18.23 -33.55 -26.79
CA LYS A 229 -18.07 -32.27 -27.44
C LYS A 229 -18.01 -31.12 -26.45
N ILE A 230 -18.63 -31.27 -25.27
CA ILE A 230 -18.56 -30.22 -24.27
C ILE A 230 -17.24 -30.27 -23.52
N ALA A 231 -16.59 -31.45 -23.47
CA ALA A 231 -15.23 -31.52 -22.94
C ALA A 231 -14.24 -30.79 -23.85
N VAL A 232 -14.40 -30.96 -25.17
CA VAL A 232 -13.54 -30.26 -26.13
C VAL A 232 -13.79 -28.76 -26.10
N VAL A 233 -15.07 -28.34 -26.00
CA VAL A 233 -15.39 -26.93 -25.98
C VAL A 233 -14.90 -26.26 -24.69
N MET A 234 -14.94 -26.97 -23.57
CA MET A 234 -14.42 -26.38 -22.35
C MET A 234 -12.90 -26.47 -22.25
N PHE A 235 -12.28 -27.37 -23.02
CA PHE A 235 -10.83 -27.40 -23.05
C PHE A 235 -10.27 -26.25 -23.88
N ILE A 236 -10.82 -26.02 -25.07
CA ILE A 236 -10.28 -24.93 -25.89
C ILE A 236 -11.07 -23.65 -25.59
N TYR A 237 -11.87 -23.67 -24.53
CA TYR A 237 -12.43 -22.44 -23.99
C TYR A 237 -11.70 -21.98 -22.74
N PHE A 238 -11.24 -22.88 -21.86
CA PHE A 238 -10.44 -22.40 -20.75
C PHE A 238 -8.96 -22.31 -21.08
N LEU A 239 -8.51 -22.94 -22.17
CA LEU A 239 -7.19 -22.61 -22.70
C LEU A 239 -7.16 -21.19 -23.27
N ALA A 240 -8.21 -20.85 -24.03
CA ALA A 240 -8.37 -19.50 -24.54
C ALA A 240 -8.59 -18.49 -23.41
N THR A 241 -9.34 -18.89 -22.37
CA THR A 241 -9.58 -18.02 -21.23
C THR A 241 -8.29 -17.73 -20.47
N ASN A 242 -7.43 -18.74 -20.31
CA ASN A 242 -6.15 -18.51 -19.64
C ASN A 242 -5.24 -17.61 -20.47
N TYR A 243 -5.19 -17.85 -21.79
CA TYR A 243 -4.31 -17.04 -22.64
C TYR A 243 -4.80 -15.60 -22.76
N TYR A 244 -6.12 -15.40 -22.83
CA TYR A 244 -6.63 -14.02 -22.82
C TYR A 244 -6.50 -13.35 -21.46
N TRP A 245 -6.55 -14.10 -20.34
CA TRP A 245 -6.32 -13.43 -19.06
C TRP A 245 -4.86 -13.06 -18.85
N ILE A 246 -3.90 -13.86 -19.35
CA ILE A 246 -2.52 -13.39 -19.29
C ILE A 246 -2.33 -12.23 -20.28
N LEU A 247 -3.11 -12.19 -21.38
CA LEU A 247 -3.13 -11.01 -22.23
C LEU A 247 -3.69 -9.78 -21.52
N VAL A 248 -4.74 -9.97 -20.70
CA VAL A 248 -5.34 -8.88 -19.94
C VAL A 248 -4.37 -8.34 -18.90
N GLU A 249 -3.63 -9.23 -18.22
CA GLU A 249 -2.61 -8.76 -17.28
C GLU A 249 -1.47 -8.06 -18.01
N GLY A 250 -1.10 -8.52 -19.21
CA GLY A 250 -0.20 -7.76 -20.06
C GLY A 250 -0.73 -6.38 -20.41
N LEU A 251 -2.01 -6.30 -20.77
CA LEU A 251 -2.67 -5.05 -21.17
C LEU A 251 -3.03 -4.17 -19.98
N TYR A 252 -2.80 -4.63 -18.76
CA TYR A 252 -3.02 -3.80 -17.59
C TYR A 252 -1.71 -3.36 -16.96
N LEU A 253 -0.69 -4.22 -16.93
CA LEU A 253 0.64 -3.78 -16.51
C LEU A 253 1.25 -2.83 -17.52
N HIS A 254 1.10 -3.14 -18.83
CA HIS A 254 1.60 -2.24 -19.86
C HIS A 254 0.83 -0.92 -19.89
N ASN A 255 -0.46 -0.94 -19.57
CA ASN A 255 -1.19 0.33 -19.49
C ASN A 255 -0.80 1.14 -18.26
N LEU A 256 -0.50 0.48 -17.13
CA LEU A 256 0.00 1.23 -15.98
C LEU A 256 1.36 1.84 -16.26
N ILE A 257 2.27 1.08 -16.87
CA ILE A 257 3.62 1.57 -17.11
C ILE A 257 3.65 2.58 -18.26
N PHE A 258 2.99 2.27 -19.38
CA PHE A 258 3.18 3.00 -20.62
C PHE A 258 2.17 4.12 -20.85
N VAL A 259 1.02 4.11 -20.18
CA VAL A 259 -0.02 5.10 -20.39
C VAL A 259 -0.14 5.95 -19.14
N ALA A 260 -0.12 7.28 -19.33
CA ALA A 260 -0.10 8.23 -18.23
C ALA A 260 -1.39 8.20 -17.43
N PHE A 261 -1.26 7.96 -16.12
CA PHE A 261 -2.34 7.97 -15.13
C PHE A 261 -3.50 7.06 -15.53
N PHE A 262 -3.16 5.80 -15.85
CA PHE A 262 -4.15 4.82 -16.27
C PHE A 262 -5.12 4.51 -15.13
N SER A 263 -6.41 4.52 -15.44
CA SER A 263 -7.44 4.34 -14.43
C SER A 263 -7.64 2.85 -14.16
N ASP A 264 -7.72 2.49 -12.88
CA ASP A 264 -7.87 1.09 -12.50
C ASP A 264 -9.30 0.60 -12.71
N THR A 265 -10.29 1.38 -12.28
CA THR A 265 -11.67 0.93 -12.22
C THR A 265 -12.45 1.25 -13.48
N LYS A 266 -11.97 2.20 -14.30
CA LYS A 266 -12.70 2.60 -15.49
C LYS A 266 -12.62 1.52 -16.58
N TYR A 267 -11.46 0.89 -16.74
CA TYR A 267 -11.27 -0.15 -17.75
C TYR A 267 -11.36 -1.55 -17.17
N LEU A 268 -11.75 -1.69 -15.91
CA LEU A 268 -11.83 -3.01 -15.28
C LEU A 268 -12.97 -3.85 -15.88
N TRP A 269 -14.14 -3.23 -16.07
CA TRP A 269 -15.26 -3.92 -16.70
C TRP A 269 -14.99 -4.24 -18.15
N GLY A 270 -14.27 -3.35 -18.85
CA GLY A 270 -13.79 -3.65 -20.19
C GLY A 270 -12.90 -4.88 -20.23
N PHE A 271 -11.97 -4.99 -19.28
CA PHE A 271 -11.06 -6.14 -19.22
C PHE A 271 -11.82 -7.43 -18.91
N ILE A 272 -12.77 -7.38 -17.98
CA ILE A 272 -13.60 -8.56 -17.68
C ILE A 272 -14.46 -8.93 -18.88
N LEU A 273 -14.96 -7.93 -19.62
CA LEU A 273 -15.80 -8.19 -20.78
C LEU A 273 -15.00 -8.83 -21.90
N ILE A 274 -13.76 -8.36 -22.13
CA ILE A 274 -12.89 -8.97 -23.14
C ILE A 274 -12.55 -10.40 -22.75
N GLY A 275 -12.11 -10.60 -21.49
CA GLY A 275 -11.64 -11.90 -21.04
C GLY A 275 -12.72 -12.96 -21.04
N TRP A 276 -13.95 -12.61 -20.64
CA TRP A 276 -15.01 -13.60 -20.59
C TRP A 276 -15.95 -13.58 -21.79
N GLY A 277 -15.80 -12.62 -22.72
CA GLY A 277 -16.71 -12.61 -23.85
C GLY A 277 -16.08 -12.82 -25.21
N PHE A 278 -14.81 -12.40 -25.41
CA PHE A 278 -14.20 -12.67 -26.71
C PHE A 278 -13.81 -14.15 -26.87
N PRO A 279 -13.22 -14.85 -25.86
CA PRO A 279 -13.12 -16.31 -26.00
C PRO A 279 -14.46 -17.01 -26.12
N ALA A 280 -15.49 -16.53 -25.43
CA ALA A 280 -16.84 -17.06 -25.63
C ALA A 280 -17.31 -16.87 -27.05
N ALA A 281 -16.96 -15.72 -27.65
CA ALA A 281 -17.36 -15.42 -29.02
C ALA A 281 -16.70 -16.35 -30.03
N PHE A 282 -15.36 -16.46 -30.02
CA PHE A 282 -14.78 -17.31 -31.06
C PHE A 282 -14.92 -18.80 -30.76
N VAL A 283 -14.99 -19.22 -29.49
CA VAL A 283 -15.29 -20.61 -29.18
C VAL A 283 -16.71 -20.98 -29.63
N ALA A 284 -17.68 -20.08 -29.44
CA ALA A 284 -19.03 -20.34 -29.93
C ALA A 284 -19.09 -20.39 -31.45
N ALA A 285 -18.36 -19.48 -32.12
CA ALA A 285 -18.28 -19.52 -33.58
C ALA A 285 -17.62 -20.80 -34.07
N TRP A 286 -16.57 -21.25 -33.36
CA TRP A 286 -15.91 -22.51 -33.70
C TRP A 286 -16.85 -23.70 -33.51
N ALA A 287 -17.64 -23.69 -32.43
CA ALA A 287 -18.57 -24.80 -32.17
C ALA A 287 -19.65 -24.88 -33.24
N VAL A 288 -20.21 -23.73 -33.63
CA VAL A 288 -21.23 -23.70 -34.68
C VAL A 288 -20.64 -24.13 -36.02
N ALA A 289 -19.42 -23.64 -36.34
CA ALA A 289 -18.77 -24.01 -37.60
C ALA A 289 -18.41 -25.49 -37.64
N ARG A 290 -17.91 -26.03 -36.53
CA ARG A 290 -17.55 -27.45 -36.47
C ARG A 290 -18.79 -28.34 -36.56
N ALA A 291 -19.88 -27.95 -35.90
CA ALA A 291 -21.12 -28.71 -35.98
C ALA A 291 -21.72 -28.68 -37.38
N THR A 292 -21.68 -27.51 -38.04
CA THR A 292 -22.27 -27.40 -39.37
C THR A 292 -21.41 -28.08 -40.43
N LEU A 293 -20.11 -27.79 -40.45
CA LEU A 293 -19.26 -28.21 -41.56
C LEU A 293 -18.94 -29.70 -41.52
N ALA A 294 -18.54 -30.22 -40.35
CA ALA A 294 -18.03 -31.58 -40.28
C ALA A 294 -18.91 -32.51 -39.45
N ASP A 295 -19.14 -32.18 -38.18
CA ASP A 295 -19.94 -32.97 -37.22
C ASP A 295 -19.43 -34.42 -37.14
N ALA A 296 -18.17 -34.55 -36.75
CA ALA A 296 -17.53 -35.86 -36.57
C ALA A 296 -18.09 -36.57 -35.33
N ARG A 297 -17.56 -37.78 -35.08
CA ARG A 297 -18.00 -38.56 -33.92
C ARG A 297 -17.66 -37.85 -32.61
N CYS A 298 -16.48 -37.24 -32.52
CA CYS A 298 -16.17 -36.31 -31.45
C CYS A 298 -15.23 -35.25 -32.02
N TRP A 299 -15.26 -34.08 -31.39
CA TRP A 299 -14.50 -32.92 -31.88
C TRP A 299 -13.01 -32.97 -31.52
N GLU A 300 -12.55 -34.06 -30.88
CA GLU A 300 -11.12 -34.22 -30.59
C GLU A 300 -10.28 -34.29 -31.87
N LEU A 301 -10.83 -34.89 -32.94
CA LEU A 301 -10.13 -34.97 -34.21
C LEU A 301 -10.05 -33.60 -34.86
N SER A 302 -8.85 -33.21 -35.29
CA SER A 302 -8.64 -31.88 -35.81
C SER A 302 -9.08 -31.76 -37.27
N ALA A 303 -9.53 -30.58 -37.63
CA ALA A 303 -9.83 -30.21 -39.01
C ALA A 303 -8.93 -29.04 -39.39
N GLY A 304 -8.30 -29.14 -40.57
CA GLY A 304 -7.29 -28.16 -40.95
C GLY A 304 -7.83 -26.75 -41.11
N ASP A 305 -8.95 -26.61 -41.81
CA ASP A 305 -9.55 -25.28 -42.01
C ASP A 305 -10.20 -24.76 -40.73
N ILE A 306 -10.91 -25.64 -40.01
CA ILE A 306 -11.76 -25.20 -38.90
C ILE A 306 -10.92 -24.73 -37.70
N LYS A 307 -9.75 -25.34 -37.50
CA LYS A 307 -8.93 -25.06 -36.31
C LYS A 307 -8.45 -23.60 -36.24
N TRP A 308 -8.24 -22.96 -37.40
CA TRP A 308 -7.73 -21.60 -37.42
C TRP A 308 -8.69 -20.58 -36.80
N ILE A 309 -10.00 -20.88 -36.83
CA ILE A 309 -11.04 -20.06 -36.18
C ILE A 309 -10.69 -19.73 -34.74
N TYR A 310 -10.22 -20.71 -33.97
CA TYR A 310 -9.75 -20.40 -32.63
C TYR A 310 -8.23 -20.19 -32.54
N GLN A 311 -7.44 -20.77 -33.46
CA GLN A 311 -5.99 -20.65 -33.34
C GLN A 311 -5.50 -19.23 -33.65
N ALA A 312 -6.05 -18.59 -34.68
CA ALA A 312 -5.58 -17.26 -35.09
C ALA A 312 -5.81 -16.14 -34.06
N PRO A 313 -6.98 -16.00 -33.40
CA PRO A 313 -7.06 -14.98 -32.34
C PRO A 313 -6.16 -15.28 -31.15
N ILE A 314 -6.00 -16.55 -30.78
CA ILE A 314 -5.13 -16.92 -29.67
C ILE A 314 -3.66 -16.60 -30.00
N LEU A 315 -3.22 -16.96 -31.21
CA LEU A 315 -1.85 -16.63 -31.62
C LEU A 315 -1.65 -15.13 -31.77
N ALA A 316 -2.69 -14.40 -32.19
CA ALA A 316 -2.62 -12.94 -32.21
C ALA A 316 -2.49 -12.37 -30.80
N ALA A 317 -3.21 -12.95 -29.84
CA ALA A 317 -3.14 -12.51 -28.45
C ALA A 317 -1.76 -12.77 -27.86
N ILE A 318 -1.17 -13.93 -28.17
CA ILE A 318 0.17 -14.25 -27.68
C ILE A 318 1.22 -13.34 -28.31
N GLY A 319 1.07 -13.03 -29.61
CA GLY A 319 2.01 -12.13 -30.27
C GLY A 319 1.91 -10.71 -29.74
N LEU A 320 0.68 -10.22 -29.54
CA LEU A 320 0.46 -8.90 -28.95
C LEU A 320 0.99 -8.83 -27.52
N ASN A 321 0.82 -9.92 -26.76
CA ASN A 321 1.36 -10.00 -25.42
C ASN A 321 2.89 -9.94 -25.42
N PHE A 322 3.51 -10.58 -26.42
CA PHE A 322 4.97 -10.50 -26.57
C PHE A 322 5.42 -9.08 -26.92
N ILE A 323 4.66 -8.39 -27.77
CA ILE A 323 4.97 -6.98 -28.09
C ILE A 323 4.84 -6.10 -26.86
N LEU A 324 3.80 -6.34 -26.04
CA LEU A 324 3.65 -5.64 -24.77
C LEU A 324 4.81 -5.94 -23.82
N PHE A 325 5.28 -7.19 -23.83
CA PHE A 325 6.45 -7.56 -23.05
C PHE A 325 7.69 -6.79 -23.49
N LEU A 326 7.90 -6.67 -24.80
CA LEU A 326 9.07 -5.94 -25.31
C LEU A 326 9.03 -4.47 -24.92
N ASN A 327 7.86 -3.83 -25.07
CA ASN A 327 7.73 -2.43 -24.68
C ASN A 327 7.86 -2.25 -23.17
N THR A 328 7.34 -3.23 -22.39
CA THR A 328 7.46 -3.20 -20.94
C THR A 328 8.92 -3.32 -20.51
N VAL A 329 9.69 -4.20 -21.17
CA VAL A 329 11.12 -4.34 -20.89
C VAL A 329 11.86 -3.05 -21.23
N ARG A 330 11.49 -2.41 -22.34
CA ARG A 330 12.14 -1.16 -22.74
C ARG A 330 11.90 -0.04 -21.73
N VAL A 331 10.64 0.18 -21.34
CA VAL A 331 10.33 1.27 -20.42
C VAL A 331 10.83 0.96 -19.00
N LEU A 332 10.75 -0.31 -18.57
CA LEU A 332 11.27 -0.69 -17.26
C LEU A 332 12.78 -0.56 -17.20
N ALA A 333 13.48 -0.91 -18.30
CA ALA A 333 14.91 -0.70 -18.37
C ALA A 333 15.26 0.78 -18.34
N THR A 334 14.44 1.61 -19.00
CA THR A 334 14.62 3.06 -18.93
C THR A 334 14.47 3.58 -17.50
N LYS A 335 13.49 3.06 -16.76
CA LYS A 335 13.32 3.40 -15.35
C LYS A 335 14.51 2.96 -14.52
N ILE A 336 15.09 1.80 -14.83
CA ILE A 336 16.28 1.33 -14.12
C ILE A 336 17.49 2.22 -14.42
N TRP A 337 17.66 2.61 -15.70
CA TRP A 337 18.79 3.47 -16.07
C TRP A 337 18.67 4.85 -15.46
N GLU A 338 17.45 5.39 -15.36
CA GLU A 338 17.26 6.72 -14.76
C GLU A 338 17.59 6.72 -13.27
N THR A 339 17.22 5.67 -12.55
CA THR A 339 17.52 5.61 -11.12
C THR A 339 18.90 5.02 -10.87
N ASP A 345 24.90 1.50 -7.29
CA ASP A 345 25.69 0.35 -7.75
C ASP A 345 25.14 -0.18 -9.07
N THR A 346 26.03 -0.30 -10.06
CA THR A 346 25.63 -0.83 -11.37
C THR A 346 25.27 -2.31 -11.28
N ARG A 347 26.03 -3.08 -10.50
CA ARG A 347 25.79 -4.52 -10.35
C ARG A 347 24.42 -4.81 -9.73
N LYS A 348 24.00 -3.98 -8.77
CA LYS A 348 22.67 -4.10 -8.21
C LYS A 348 21.59 -3.82 -9.25
N GLN A 349 21.84 -2.85 -10.14
CA GLN A 349 20.91 -2.54 -11.22
C GLN A 349 20.78 -3.70 -12.20
N TYR A 350 21.92 -4.30 -12.59
CA TYR A 350 21.88 -5.45 -13.50
C TYR A 350 21.23 -6.66 -12.85
N ARG A 351 21.49 -6.91 -11.57
CA ARG A 351 20.87 -8.03 -10.87
C ARG A 351 19.36 -7.84 -10.73
N LYS A 352 18.93 -6.63 -10.39
CA LYS A 352 17.50 -6.34 -10.31
C LYS A 352 16.83 -6.43 -11.67
N LEU A 353 17.54 -5.99 -12.73
CA LEU A 353 17.03 -6.13 -14.09
C LEU A 353 16.88 -7.60 -14.49
N ALA A 354 17.85 -8.44 -14.12
CA ALA A 354 17.77 -9.86 -14.44
C ALA A 354 16.63 -10.56 -13.68
N LYS A 355 16.48 -10.24 -12.38
CA LYS A 355 15.40 -10.83 -11.58
C LYS A 355 14.03 -10.39 -12.09
N SER A 356 13.87 -9.08 -12.34
CA SER A 356 12.62 -8.55 -12.88
C SER A 356 12.35 -9.10 -14.27
N THR A 357 13.41 -9.32 -15.07
CA THR A 357 13.25 -9.88 -16.41
C THR A 357 12.76 -11.32 -16.36
N LEU A 358 13.31 -12.13 -15.44
CA LEU A 358 12.86 -13.52 -15.30
C LEU A 358 11.41 -13.59 -14.82
N VAL A 359 11.07 -12.78 -13.81
CA VAL A 359 9.69 -12.71 -13.31
C VAL A 359 8.75 -12.22 -14.42
N LEU A 360 9.21 -11.23 -15.21
CA LEU A 360 8.41 -10.66 -16.27
C LEU A 360 8.19 -11.66 -17.41
N VAL A 361 9.19 -12.50 -17.69
CA VAL A 361 9.05 -13.60 -18.66
C VAL A 361 8.01 -14.59 -18.18
N LEU A 362 8.03 -14.94 -16.89
CA LEU A 362 7.05 -15.87 -16.34
C LEU A 362 5.63 -15.29 -16.37
N VAL A 363 5.48 -13.99 -16.08
CA VAL A 363 4.17 -13.36 -16.08
C VAL A 363 3.62 -13.20 -17.51
N PHE A 364 4.46 -12.72 -18.44
CA PHE A 364 4.01 -12.37 -19.79
C PHE A 364 3.94 -13.55 -20.74
N GLY A 365 4.41 -14.73 -20.34
CA GLY A 365 4.38 -15.89 -21.21
C GLY A 365 5.25 -15.78 -22.44
N VAL A 366 6.50 -15.33 -22.23
CA VAL A 366 7.47 -15.25 -23.32
C VAL A 366 7.83 -16.65 -23.81
N HIS A 367 7.85 -17.62 -22.88
CA HIS A 367 8.10 -19.02 -23.19
C HIS A 367 7.17 -19.59 -24.26
N TYR A 368 5.96 -19.04 -24.42
CA TYR A 368 5.09 -19.46 -25.51
C TYR A 368 5.71 -19.14 -26.86
N ILE A 369 6.19 -17.91 -27.04
CA ILE A 369 6.85 -17.51 -28.27
C ILE A 369 8.16 -18.27 -28.46
N VAL A 370 8.91 -18.47 -27.36
CA VAL A 370 10.20 -19.15 -27.44
C VAL A 370 10.02 -20.62 -27.87
N PHE A 371 9.11 -21.34 -27.23
CA PHE A 371 8.91 -22.76 -27.56
C PHE A 371 8.19 -22.97 -28.88
N VAL A 372 7.18 -22.15 -29.20
CA VAL A 372 6.49 -22.31 -30.48
C VAL A 372 7.41 -21.95 -31.65
N CYS A 373 8.22 -20.90 -31.50
CA CYS A 373 9.14 -20.49 -32.54
C CYS A 373 10.46 -21.25 -32.49
N LEU A 374 10.63 -22.16 -31.54
CA LEU A 374 11.85 -22.96 -31.44
C LEU A 374 11.97 -23.87 -32.66
N PRO A 375 13.17 -23.99 -33.25
CA PRO A 375 13.36 -24.88 -34.40
C PRO A 375 13.84 -26.27 -33.99
N GLY A 380 9.41 -37.47 -34.44
CA GLY A 380 10.81 -37.43 -34.08
C GLY A 380 11.05 -37.31 -32.60
N LEU A 381 12.23 -37.76 -32.15
CA LEU A 381 12.59 -37.68 -30.74
C LEU A 381 12.70 -36.24 -30.27
N GLY A 382 13.25 -35.36 -31.12
CA GLY A 382 13.36 -33.95 -30.78
C GLY A 382 12.00 -33.29 -30.58
N TRP A 383 11.03 -33.66 -31.42
CA TRP A 383 9.66 -33.17 -31.26
C TRP A 383 9.07 -33.65 -29.94
N GLU A 384 9.38 -34.89 -29.55
CA GLU A 384 8.91 -35.43 -28.27
C GLU A 384 9.50 -34.68 -27.09
N ILE A 385 10.80 -34.37 -27.15
CA ILE A 385 11.46 -33.59 -26.10
C ILE A 385 10.88 -32.17 -26.04
N ARG A 386 10.61 -31.59 -27.21
CA ARG A 386 10.00 -30.27 -27.29
C ARG A 386 8.59 -30.28 -26.69
N MET A 387 7.83 -31.34 -26.94
CA MET A 387 6.50 -31.48 -26.35
C MET A 387 6.58 -31.62 -24.84
N HIS A 388 7.57 -32.37 -24.34
CA HIS A 388 7.79 -32.49 -22.89
C HIS A 388 8.08 -31.14 -22.26
N CYS A 389 8.95 -30.35 -22.90
CA CYS A 389 9.29 -29.03 -22.36
C CYS A 389 8.10 -28.09 -22.39
N GLU A 390 7.32 -28.11 -23.48
CA GLU A 390 6.16 -27.25 -23.62
C GLU A 390 5.08 -27.58 -22.59
N LEU A 391 4.74 -28.87 -22.45
CA LEU A 391 3.73 -29.26 -21.47
C LEU A 391 4.21 -29.06 -20.04
N PHE A 392 5.50 -29.26 -19.77
CA PHE A 392 6.04 -29.03 -18.43
C PHE A 392 5.92 -27.57 -18.03
N PHE A 393 6.32 -26.65 -18.92
CA PHE A 393 6.18 -25.23 -18.63
C PHE A 393 4.73 -24.79 -18.55
N ASN A 394 3.87 -25.31 -19.44
CA ASN A 394 2.45 -24.95 -19.40
C ASN A 394 1.78 -25.44 -18.12
N SER A 395 2.10 -26.66 -17.69
CA SER A 395 1.52 -27.22 -16.48
C SER A 395 2.00 -26.46 -15.24
N PHE A 396 3.29 -26.13 -15.17
CA PHE A 396 3.82 -25.47 -14.00
C PHE A 396 3.77 -23.94 -14.06
N GLN A 397 3.24 -23.36 -15.15
CA GLN A 397 3.13 -21.92 -15.24
C GLN A 397 2.18 -21.36 -14.17
N GLY A 398 1.06 -22.05 -13.93
CA GLY A 398 0.14 -21.62 -12.89
C GLY A 398 0.78 -21.67 -11.51
N PHE A 399 1.56 -22.71 -11.24
CA PHE A 399 2.29 -22.82 -9.98
C PHE A 399 3.32 -21.70 -9.85
N PHE A 400 4.03 -21.38 -10.95
CA PHE A 400 5.03 -20.32 -10.92
C PHE A 400 4.39 -18.95 -10.67
N VAL A 401 3.26 -18.67 -11.32
CA VAL A 401 2.52 -17.42 -11.09
C VAL A 401 2.01 -17.37 -9.66
N SER A 402 1.59 -18.53 -9.12
CA SER A 402 1.16 -18.62 -7.73
C SER A 402 2.29 -18.28 -6.77
N ILE A 403 3.49 -18.78 -7.05
CA ILE A 403 4.68 -18.46 -6.25
C ILE A 403 4.99 -16.97 -6.32
N ILE A 404 4.94 -16.40 -7.53
CA ILE A 404 5.33 -15.00 -7.74
C ILE A 404 4.35 -14.04 -7.06
N TYR A 405 3.05 -14.24 -7.27
CA TYR A 405 2.08 -13.28 -6.77
C TYR A 405 1.49 -13.63 -5.42
N CYS A 406 1.79 -14.81 -4.85
CA CYS A 406 1.30 -15.10 -3.52
C CYS A 406 2.45 -15.41 -2.57
N TYR A 407 3.24 -16.42 -2.92
CA TYR A 407 4.29 -16.90 -2.03
C TYR A 407 5.48 -15.95 -1.97
N CYS A 408 5.91 -15.40 -3.11
CA CYS A 408 7.04 -14.48 -3.14
C CYS A 408 6.60 -13.01 -3.05
N ASN A 409 5.29 -12.74 -3.05
CA ASN A 409 4.79 -11.37 -2.98
C ASN A 409 5.03 -10.80 -1.59
N GLY A 410 5.73 -9.65 -1.54
CA GLY A 410 6.04 -9.00 -0.27
C GLY A 410 4.82 -8.62 0.55
N GLU A 411 3.77 -8.10 -0.11
CA GLU A 411 2.57 -7.70 0.60
C GLU A 411 1.83 -8.89 1.20
N VAL A 412 1.72 -9.98 0.43
CA VAL A 412 1.04 -11.18 0.92
C VAL A 412 1.83 -11.83 2.07
N GLN A 413 3.16 -11.87 1.94
CA GLN A 413 4.01 -12.38 3.02
C GLN A 413 3.90 -11.51 4.27
N ALA A 414 3.83 -10.19 4.10
CA ALA A 414 3.66 -9.28 5.24
C ALA A 414 2.32 -9.50 5.93
N GLU A 415 1.25 -9.71 5.15
CA GLU A 415 -0.06 -9.97 5.73
C GLU A 415 -0.10 -11.31 6.46
N VAL A 416 0.54 -12.34 5.90
CA VAL A 416 0.59 -13.65 6.55
C VAL A 416 1.39 -13.59 7.84
N LYS A 417 2.54 -12.90 7.83
CA LYS A 417 3.36 -12.75 9.04
C LYS A 417 2.64 -11.95 10.12
N LYS A 418 1.95 -10.87 9.73
CA LYS A 418 1.19 -10.10 10.70
C LYS A 418 0.02 -10.89 11.28
N MET A 419 -0.69 -11.66 10.44
CA MET A 419 -1.78 -12.50 10.93
C MET A 419 -1.27 -13.58 11.86
N TRP A 420 -0.11 -14.17 11.55
CA TRP A 420 0.50 -15.17 12.42
C TRP A 420 0.92 -14.56 13.76
N SER A 421 1.45 -13.33 13.73
CA SER A 421 1.81 -12.63 14.96
C SER A 421 0.56 -12.32 15.80
N ARG A 422 -0.53 -11.91 15.14
CA ARG A 422 -1.78 -11.63 15.84
C ARG A 422 -2.35 -12.90 16.47
N TRP A 423 -2.26 -14.03 15.78
CA TRP A 423 -2.71 -15.31 16.34
C TRP A 423 -1.81 -15.75 17.48
N ASN A 424 -0.50 -15.51 17.38
CA ASN A 424 0.44 -15.89 18.43
C ASN A 424 0.20 -15.08 19.70
N LEU A 425 -0.05 -13.77 19.55
CA LEU A 425 -0.32 -12.92 20.71
C LEU A 425 -1.64 -13.29 21.38
N SER A 426 -2.66 -13.61 20.59
CA SER A 426 -3.96 -13.99 21.13
C SER A 426 -4.00 -15.47 21.51
N SER B 1 -4.02 -27.64 -32.30
CA SER B 1 -3.50 -28.69 -33.17
C SER B 1 -2.06 -28.41 -33.58
N LEU B 2 -1.87 -27.60 -34.62
CA LEU B 2 -0.52 -27.29 -35.05
C LEU B 2 0.17 -26.33 -34.09
N ALA B 3 -0.53 -25.28 -33.65
CA ALA B 3 0.09 -24.21 -32.86
C ALA B 3 0.14 -24.50 -31.37
N LEU B 4 -1.03 -24.58 -30.73
CA LEU B 4 -1.12 -24.67 -29.27
C LEU B 4 -0.61 -26.02 -28.76
N ALA B 5 0.27 -25.95 -27.75
CA ALA B 5 1.00 -27.13 -27.28
C ALA B 5 0.09 -28.16 -26.61
N ASP B 6 -0.77 -27.72 -25.69
CA ASP B 6 -1.68 -28.64 -25.02
C ASP B 6 -2.72 -29.19 -26.00
N ASP B 7 -3.18 -28.33 -26.91
CA ASP B 7 -4.08 -28.78 -27.97
C ASP B 7 -3.36 -29.74 -28.91
N ALA B 8 -2.06 -29.51 -29.15
CA ALA B 8 -1.28 -30.44 -29.97
C ALA B 8 -1.20 -31.81 -29.31
N ALA B 9 -0.96 -31.84 -28.00
CA ALA B 9 -0.87 -33.10 -27.27
C ALA B 9 -2.20 -33.84 -27.29
N PHE B 10 -3.30 -33.15 -27.01
CA PHE B 10 -4.61 -33.79 -26.97
C PHE B 10 -5.04 -34.27 -28.35
N ARG B 11 -4.92 -33.42 -29.38
CA ARG B 11 -5.38 -33.83 -30.71
C ARG B 11 -4.48 -34.90 -31.30
N GLU B 12 -3.16 -34.83 -31.07
CA GLU B 12 -2.26 -35.85 -31.58
C GLU B 12 -2.48 -37.20 -30.87
N ARG B 13 -2.73 -37.16 -29.55
CA ARG B 13 -3.08 -38.38 -28.83
C ARG B 13 -4.40 -38.95 -29.31
N ALA B 14 -5.37 -38.09 -29.59
CA ALA B 14 -6.65 -38.54 -30.14
C ALA B 14 -6.49 -39.16 -31.52
N ARG B 15 -5.62 -38.57 -32.36
CA ARG B 15 -5.36 -39.13 -33.69
C ARG B 15 -4.67 -40.49 -33.58
N LEU B 16 -3.73 -40.62 -32.64
CA LEU B 16 -3.06 -41.90 -32.43
C LEU B 16 -4.03 -42.97 -31.91
N LEU B 17 -4.90 -42.60 -30.96
CA LEU B 17 -5.89 -43.55 -30.45
C LEU B 17 -6.90 -43.95 -31.51
N ALA B 18 -7.32 -42.99 -32.36
CA ALA B 18 -8.23 -43.30 -33.46
C ALA B 18 -7.58 -44.23 -34.48
N ALA B 19 -6.33 -43.96 -34.85
CA ALA B 19 -5.61 -44.82 -35.77
C ALA B 19 -5.38 -46.21 -35.16
N LEU B 20 -5.10 -46.27 -33.86
CA LEU B 20 -4.87 -47.54 -33.17
C LEU B 20 -6.14 -48.38 -33.13
N GLU B 21 -7.27 -47.77 -32.76
CA GLU B 21 -8.53 -48.53 -32.72
C GLU B 21 -8.99 -48.93 -34.11
N ARG B 22 -8.78 -48.06 -35.11
CA ARG B 22 -9.08 -48.41 -36.50
C ARG B 22 -8.24 -49.58 -36.98
N ARG B 23 -6.93 -49.55 -36.67
CA ARG B 23 -6.03 -50.63 -37.08
C ARG B 23 -6.37 -51.94 -36.37
N HIS B 24 -6.69 -51.87 -35.07
CA HIS B 24 -7.08 -53.06 -34.32
C HIS B 24 -8.38 -53.65 -34.85
N TRP B 25 -9.37 -52.80 -35.15
CA TRP B 25 -10.62 -53.26 -35.73
C TRP B 25 -10.40 -53.87 -37.12
N LEU B 26 -9.52 -53.27 -37.93
CA LEU B 26 -9.22 -53.78 -39.25
C LEU B 26 -8.53 -55.14 -39.18
N ASN B 27 -7.58 -55.29 -38.25
CA ASN B 27 -6.90 -56.57 -38.06
C ASN B 27 -7.86 -57.65 -37.57
N SER B 28 -8.75 -57.29 -36.62
CA SER B 28 -9.74 -58.24 -36.14
C SER B 28 -10.74 -58.62 -37.23
N TYR B 29 -11.13 -57.64 -38.06
CA TYR B 29 -12.05 -57.90 -39.16
C TYR B 29 -11.43 -58.81 -40.21
N MET B 30 -10.14 -58.58 -40.54
CA MET B 30 -9.45 -59.46 -41.48
C MET B 30 -9.29 -60.87 -40.91
N HIS B 31 -8.99 -60.96 -39.60
CA HIS B 31 -8.87 -62.27 -38.94
C HIS B 31 -10.19 -63.02 -38.94
N LYS B 32 -11.30 -62.30 -38.78
CA LYS B 32 -12.62 -62.92 -38.91
C LYS B 32 -12.88 -63.38 -40.34
N LEU B 33 -12.51 -62.56 -41.33
CA LEU B 33 -12.65 -62.99 -42.73
C LEU B 33 -11.68 -64.12 -43.07
N LEU B 34 -10.44 -64.05 -42.59
CA LEU B 34 -9.47 -65.11 -42.87
C LEU B 34 -9.81 -66.38 -42.09
N ASP C 11 -42.01 -1.32 14.71
CA ASP C 11 -41.27 -0.16 15.20
C ASP C 11 -39.78 -0.29 14.89
N GLN C 12 -39.18 -1.37 15.40
CA GLN C 12 -37.77 -1.65 15.13
C GLN C 12 -37.53 -1.92 13.65
N ARG C 13 -38.48 -2.62 13.00
CA ARG C 13 -38.34 -2.94 11.58
C ARG C 13 -38.36 -1.70 10.71
N ASN C 14 -39.24 -0.74 11.01
CA ASN C 14 -39.31 0.49 10.24
C ASN C 14 -38.05 1.34 10.40
N GLU C 15 -37.52 1.42 11.63
CA GLU C 15 -36.29 2.15 11.88
C GLU C 15 -35.11 1.48 11.17
N GLU C 16 -35.05 0.14 11.20
CA GLU C 16 -33.99 -0.59 10.51
C GLU C 16 -34.10 -0.40 8.99
N LYS C 17 -35.33 -0.35 8.47
CA LYS C 17 -35.56 -0.12 7.04
C LYS C 17 -35.07 1.26 6.61
N ALA C 18 -35.57 2.31 7.29
CA ALA C 18 -35.11 3.69 7.05
C ALA C 18 -33.60 3.84 7.17
N GLN C 19 -33.00 3.21 8.20
CA GLN C 19 -31.56 3.27 8.40
C GLN C 19 -30.81 2.55 7.29
N ARG C 20 -31.36 1.43 6.79
CA ARG C 20 -30.75 0.71 5.68
C ARG C 20 -30.83 1.52 4.39
N GLU C 21 -31.95 2.22 4.17
CA GLU C 21 -32.07 3.07 2.98
C GLU C 21 -31.11 4.25 3.03
N ALA C 22 -30.97 4.89 4.20
CA ALA C 22 -29.99 5.95 4.39
C ALA C 22 -28.57 5.43 4.18
N ASN C 23 -28.28 4.22 4.68
CA ASN C 23 -26.99 3.57 4.46
C ASN C 23 -26.74 3.34 2.97
N LYS C 24 -27.77 2.89 2.22
CA LYS C 24 -27.63 2.67 0.78
C LYS C 24 -27.33 3.97 0.05
N LYS C 25 -28.02 5.05 0.40
CA LYS C 25 -27.78 6.35 -0.24
C LYS C 25 -26.39 6.87 0.06
N ILE C 26 -25.95 6.75 1.31
CA ILE C 26 -24.60 7.19 1.69
C ILE C 26 -23.53 6.34 1.03
N GLU C 27 -23.74 5.02 0.94
CA GLU C 27 -22.81 4.14 0.23
C GLU C 27 -22.71 4.48 -1.26
N LYS C 28 -23.85 4.79 -1.89
CA LYS C 28 -23.82 5.23 -3.30
C LYS C 28 -23.06 6.55 -3.45
N GLN C 29 -23.26 7.48 -2.52
CA GLN C 29 -22.52 8.75 -2.55
C GLN C 29 -21.01 8.52 -2.38
N LEU C 30 -20.63 7.65 -1.44
CA LEU C 30 -19.22 7.36 -1.22
C LEU C 30 -18.60 6.59 -2.38
N GLN C 31 -19.36 5.73 -3.06
CA GLN C 31 -18.83 5.05 -4.22
C GLN C 31 -18.81 5.93 -5.47
N LYS C 32 -19.56 7.03 -5.47
CA LYS C 32 -19.38 8.01 -6.54
C LYS C 32 -18.24 8.97 -6.24
N ASP C 33 -17.94 9.21 -4.97
CA ASP C 33 -16.82 10.08 -4.59
C ASP C 33 -15.48 9.34 -4.57
N LYS C 34 -15.51 8.01 -4.44
CA LYS C 34 -14.28 7.22 -4.43
C LYS C 34 -13.51 7.32 -5.75
N GLN C 35 -14.23 7.33 -6.87
CA GLN C 35 -13.61 7.50 -8.17
C GLN C 35 -12.96 8.88 -8.31
N VAL C 36 -13.63 9.92 -7.80
CA VAL C 36 -13.09 11.28 -7.82
C VAL C 36 -11.84 11.37 -6.95
N TYR C 37 -11.88 10.78 -5.76
CA TYR C 37 -10.75 10.84 -4.84
C TYR C 37 -9.55 10.06 -5.39
N ARG C 38 -9.78 8.90 -5.99
CA ARG C 38 -8.66 8.11 -6.51
C ARG C 38 -8.15 8.62 -7.85
N ALA C 39 -8.99 9.32 -8.63
CA ALA C 39 -8.51 9.86 -9.90
C ALA C 39 -7.71 11.13 -9.70
N THR C 40 -8.17 12.02 -8.82
CA THR C 40 -7.54 13.33 -8.65
C THR C 40 -6.31 13.22 -7.74
N HIS C 41 -5.17 13.67 -8.25
CA HIS C 41 -3.91 13.64 -7.53
C HIS C 41 -3.66 14.96 -6.78
N ARG C 42 -2.82 14.88 -5.74
CA ARG C 42 -2.63 15.95 -4.78
C ARG C 42 -1.16 16.35 -4.65
N LEU C 43 -0.95 17.66 -4.55
CA LEU C 43 0.37 18.27 -4.49
C LEU C 43 0.44 19.17 -3.27
N LEU C 44 1.57 19.12 -2.55
CA LEU C 44 1.86 20.03 -1.45
C LEU C 44 2.95 20.99 -1.89
N LEU C 45 2.60 22.26 -2.10
CA LEU C 45 3.55 23.26 -2.53
C LEU C 45 4.19 23.89 -1.29
N LEU C 46 5.28 23.27 -0.83
CA LEU C 46 6.01 23.76 0.33
C LEU C 46 7.24 24.52 -0.14
N GLY C 47 7.42 25.73 0.39
CA GLY C 47 8.54 26.55 -0.01
C GLY C 47 8.84 27.63 1.00
N ALA C 48 10.11 28.07 0.97
CA ALA C 48 10.56 29.17 1.81
C ALA C 48 9.91 30.49 1.36
N GLY C 49 9.92 31.46 2.29
CA GLY C 49 9.32 32.74 1.99
C GLY C 49 10.11 33.57 1.00
N GLU C 50 11.44 33.44 1.01
CA GLU C 50 12.27 34.10 0.00
C GLU C 50 12.00 33.53 -1.39
N SER C 51 11.82 32.21 -1.48
CA SER C 51 11.52 31.58 -2.76
C SER C 51 10.14 31.98 -3.27
N GLY C 52 10.05 32.21 -4.58
CA GLY C 52 8.84 32.72 -5.19
C GLY C 52 7.78 31.68 -5.47
N LYS C 53 7.11 31.20 -4.41
CA LYS C 53 5.97 30.32 -4.60
C LYS C 53 4.69 31.08 -4.96
N ASN C 54 4.68 32.40 -4.72
CA ASN C 54 3.57 33.23 -5.19
C ASN C 54 3.56 33.29 -6.72
N THR C 55 4.74 33.36 -7.33
CA THR C 55 4.84 33.27 -8.79
C THR C 55 4.36 31.90 -9.27
N ILE C 56 4.62 30.85 -8.50
CA ILE C 56 4.15 29.51 -8.83
C ILE C 56 2.62 29.44 -8.81
N VAL C 57 2.00 29.96 -7.74
CA VAL C 57 0.53 29.89 -7.68
C VAL C 57 -0.13 30.89 -8.62
N LYS C 58 0.60 31.90 -9.11
CA LYS C 58 0.05 32.73 -10.18
C LYS C 58 0.14 32.05 -11.53
N GLN C 59 1.26 31.37 -11.81
CA GLN C 59 1.47 30.75 -13.12
C GLN C 59 0.89 29.33 -13.20
N MET C 60 1.15 28.51 -12.19
CA MET C 60 0.64 27.15 -12.15
C MET C 60 -0.70 27.07 -11.41
N SER C 205 -7.57 32.66 5.05
CA SER C 205 -7.60 31.28 5.50
C SER C 205 -6.20 30.77 5.81
N GLY C 206 -6.08 29.46 6.02
CA GLY C 206 -4.81 28.86 6.40
C GLY C 206 -4.10 28.15 5.28
N ILE C 207 -4.85 27.45 4.44
CA ILE C 207 -4.30 26.74 3.30
C ILE C 207 -4.98 27.27 2.05
N PHE C 208 -4.24 27.34 0.96
CA PHE C 208 -4.74 27.82 -0.32
C PHE C 208 -4.78 26.65 -1.31
N GLU C 209 -5.67 26.74 -2.28
CA GLU C 209 -5.97 25.61 -3.15
C GLU C 209 -6.00 26.08 -4.61
N THR C 210 -5.33 25.33 -5.47
CA THR C 210 -5.37 25.55 -6.92
C THR C 210 -5.89 24.28 -7.56
N LYS C 211 -6.95 24.41 -8.35
CA LYS C 211 -7.62 23.29 -8.99
C LYS C 211 -7.38 23.38 -10.49
N PHE C 212 -6.83 22.31 -11.08
CA PHE C 212 -6.63 22.32 -12.53
C PHE C 212 -6.60 20.88 -13.04
N GLN C 213 -6.43 20.74 -14.34
CA GLN C 213 -6.34 19.42 -14.96
C GLN C 213 -5.43 19.49 -16.17
N VAL C 214 -4.68 18.42 -16.39
CA VAL C 214 -3.80 18.25 -17.54
C VAL C 214 -4.04 16.85 -18.10
N ASP C 215 -4.35 16.79 -19.41
CA ASP C 215 -4.55 15.54 -20.17
C ASP C 215 -5.65 14.68 -19.54
N LYS C 216 -6.72 15.34 -19.10
CA LYS C 216 -7.88 14.74 -18.43
C LYS C 216 -7.48 14.11 -17.09
N VAL C 217 -6.48 14.70 -16.43
CA VAL C 217 -6.00 14.24 -15.14
C VAL C 217 -6.10 15.41 -14.18
N ASN C 218 -6.86 15.24 -13.10
CA ASN C 218 -7.17 16.33 -12.18
C ASN C 218 -6.10 16.45 -11.11
N PHE C 219 -5.63 17.68 -10.88
CA PHE C 219 -4.60 17.99 -9.89
C PHE C 219 -5.09 19.09 -8.96
N HIS C 220 -4.94 18.87 -7.65
CA HIS C 220 -5.12 19.92 -6.66
C HIS C 220 -3.77 20.21 -6.02
N MET C 221 -3.36 21.49 -6.05
CA MET C 221 -2.10 21.93 -5.45
C MET C 221 -2.42 22.80 -4.25
N PHE C 222 -1.82 22.47 -3.10
CA PHE C 222 -2.16 23.09 -1.83
C PHE C 222 -0.97 23.88 -1.32
N ASP C 223 -1.14 25.19 -1.19
CA ASP C 223 -0.09 26.11 -0.77
C ASP C 223 -0.29 26.49 0.70
N VAL C 224 0.78 26.37 1.49
CA VAL C 224 0.74 26.80 2.87
C VAL C 224 0.62 28.32 2.92
N GLY C 225 -0.40 28.81 3.63
CA GLY C 225 -0.64 30.23 3.71
C GLY C 225 -0.13 30.82 5.02
N ALA C 226 -1.06 31.23 5.89
CA ALA C 226 -0.71 31.77 7.20
C ALA C 226 -0.63 30.60 8.17
N GLN C 227 0.59 30.15 8.46
CA GLN C 227 0.83 29.04 9.37
C GLN C 227 2.09 29.32 10.18
N ARG C 228 2.09 28.79 11.40
CA ARG C 228 3.24 28.90 12.29
C ARG C 228 4.42 28.12 11.73
N ASP C 229 5.63 28.63 11.98
CA ASP C 229 6.87 28.05 11.48
C ASP C 229 7.16 26.63 11.99
N GLU C 230 6.50 26.19 13.07
CA GLU C 230 6.73 24.85 13.59
C GLU C 230 5.95 23.85 12.73
N ARG C 231 6.70 23.08 11.94
CA ARG C 231 6.13 22.23 10.89
C ARG C 231 5.94 20.77 11.31
N ARG C 232 6.41 20.38 12.49
CA ARG C 232 6.67 18.97 12.80
C ARG C 232 5.41 18.13 13.00
N LYS C 233 4.23 18.72 13.10
CA LYS C 233 3.01 17.95 13.29
C LYS C 233 2.11 17.91 12.07
N TRP C 234 1.80 19.05 11.47
CA TRP C 234 0.89 19.09 10.33
C TRP C 234 1.49 18.49 9.06
N ILE C 235 2.82 18.38 8.98
CA ILE C 235 3.45 17.73 7.82
C ILE C 235 3.08 16.24 7.76
N GLN C 236 2.76 15.62 8.90
CA GLN C 236 2.34 14.22 8.93
C GLN C 236 1.03 14.00 8.21
N CYS C 237 0.14 15.00 8.22
CA CYS C 237 -1.13 14.90 7.50
C CYS C 237 -0.94 14.78 5.99
N PHE C 238 0.13 15.38 5.46
CA PHE C 238 0.40 15.39 4.02
C PHE C 238 1.09 14.12 3.50
N ASN C 239 1.12 13.02 4.26
CA ASN C 239 1.66 11.78 3.69
C ASN C 239 0.76 11.25 2.58
N ASP C 240 -0.55 11.44 2.69
CA ASP C 240 -1.51 10.89 1.75
C ASP C 240 -1.42 11.53 0.36
N VAL C 241 -0.91 12.76 0.26
CA VAL C 241 -0.84 13.44 -1.03
C VAL C 241 0.15 12.72 -1.95
N THR C 242 -0.12 12.81 -3.25
CA THR C 242 0.70 12.11 -4.25
C THR C 242 2.11 12.67 -4.30
N ALA C 243 2.27 13.99 -4.21
CA ALA C 243 3.62 14.54 -4.27
C ALA C 243 3.75 15.79 -3.43
N ILE C 244 4.95 16.00 -2.90
CA ILE C 244 5.32 17.25 -2.23
C ILE C 244 6.26 18.00 -3.16
N ILE C 245 5.79 19.11 -3.72
CA ILE C 245 6.63 19.98 -4.51
C ILE C 245 7.31 20.96 -3.56
N PHE C 246 8.64 20.91 -3.52
CA PHE C 246 9.44 21.67 -2.58
C PHE C 246 10.24 22.68 -3.39
N VAL C 247 9.96 23.96 -3.16
CA VAL C 247 10.46 25.03 -4.02
C VAL C 247 11.38 25.91 -3.19
N VAL C 248 12.64 26.03 -3.63
CA VAL C 248 13.65 26.79 -2.91
C VAL C 248 14.26 27.82 -3.84
N ALA C 249 14.98 28.78 -3.25
CA ALA C 249 15.63 29.86 -3.98
C ALA C 249 17.14 29.71 -3.87
N SER C 250 17.83 29.86 -4.99
CA SER C 250 19.28 29.70 -5.04
C SER C 250 19.94 31.06 -5.12
N SER C 251 20.90 31.31 -4.23
CA SER C 251 21.62 32.57 -4.17
C SER C 251 23.03 32.37 -3.64
N GLN C 262 22.65 39.37 4.17
CA GLN C 262 21.41 38.62 4.23
C GLN C 262 21.60 37.27 4.90
N THR C 263 20.51 36.72 5.44
CA THR C 263 20.55 35.42 6.10
C THR C 263 20.78 34.31 5.07
N ASN C 264 21.48 33.27 5.50
CA ASN C 264 21.65 32.09 4.66
C ASN C 264 20.32 31.36 4.53
N ARG C 265 19.95 31.02 3.30
CA ARG C 265 18.69 30.35 3.02
C ARG C 265 18.86 29.02 2.31
N LEU C 266 20.05 28.73 1.76
CA LEU C 266 20.27 27.45 1.11
C LEU C 266 20.44 26.32 2.12
N GLN C 267 21.22 26.56 3.18
CA GLN C 267 21.47 25.51 4.17
C GLN C 267 20.22 25.15 4.96
N ALA C 268 19.41 26.15 5.32
CA ALA C 268 18.14 25.89 5.99
C ALA C 268 17.20 25.11 5.08
N ALA C 269 17.22 25.41 3.79
CA ALA C 269 16.43 24.67 2.81
C ALA C 269 16.91 23.22 2.71
N LEU C 270 18.22 23.00 2.74
CA LEU C 270 18.78 21.65 2.71
C LEU C 270 18.39 20.86 3.97
N LYS C 271 18.42 21.52 5.12
CA LYS C 271 18.02 20.86 6.37
C LYS C 271 16.53 20.55 6.38
N LEU C 272 15.70 21.46 5.85
CA LEU C 272 14.26 21.20 5.77
C LEU C 272 13.95 20.06 4.81
N PHE C 273 14.67 20.01 3.67
CA PHE C 273 14.51 18.89 2.75
C PHE C 273 14.98 17.57 3.38
N ASP C 274 16.06 17.61 4.16
CA ASP C 274 16.52 16.44 4.90
C ASP C 274 15.46 15.97 5.90
N SER C 275 14.82 16.92 6.58
CA SER C 275 13.76 16.59 7.53
C SER C 275 12.55 15.97 6.84
N ILE C 276 12.20 16.48 5.66
CA ILE C 276 11.13 15.88 4.86
C ILE C 276 11.52 14.47 4.41
N TRP C 277 12.75 14.31 3.93
CA TRP C 277 13.19 13.04 3.35
C TRP C 277 13.31 11.94 4.40
N ASN C 278 13.85 12.26 5.58
CA ASN C 278 14.13 11.26 6.60
C ASN C 278 12.94 10.92 7.47
N ASN C 279 11.80 11.58 7.28
CA ASN C 279 10.61 11.29 8.08
C ASN C 279 10.13 9.88 7.80
N LYS C 280 9.88 9.13 8.89
CA LYS C 280 9.45 7.74 8.79
C LYS C 280 8.08 7.62 8.13
N TRP C 281 7.21 8.60 8.35
CA TRP C 281 5.90 8.62 7.70
C TRP C 281 5.90 9.38 6.39
N LEU C 282 7.07 9.80 5.91
CA LEU C 282 7.22 10.36 4.58
C LEU C 282 8.23 9.54 3.77
N ARG C 283 8.25 8.23 4.01
CA ARG C 283 9.07 7.29 3.25
C ARG C 283 8.32 6.72 2.06
N ASP C 284 7.05 7.10 1.88
CA ASP C 284 6.27 6.68 0.73
C ASP C 284 5.75 7.87 -0.09
N THR C 285 6.17 9.07 0.26
CA THR C 285 5.75 10.28 -0.44
C THR C 285 6.95 10.87 -1.17
N SER C 286 6.80 11.09 -2.47
CA SER C 286 7.89 11.60 -3.29
C SER C 286 7.90 13.12 -3.33
N VAL C 287 9.09 13.68 -3.53
CA VAL C 287 9.32 15.12 -3.52
C VAL C 287 9.75 15.54 -4.92
N ILE C 288 9.01 16.47 -5.51
CA ILE C 288 9.39 17.13 -6.75
C ILE C 288 10.05 18.45 -6.39
N LEU C 289 11.23 18.72 -6.94
CA LEU C 289 12.11 19.75 -6.42
C LEU C 289 12.27 20.87 -7.43
N PHE C 290 11.96 22.10 -7.02
CA PHE C 290 12.10 23.29 -7.86
C PHE C 290 13.20 24.18 -7.31
N LEU C 291 14.19 24.47 -8.15
CA LEU C 291 15.28 25.39 -7.85
C LEU C 291 14.98 26.69 -8.60
N ASN C 292 14.39 27.66 -7.91
CA ASN C 292 13.97 28.92 -8.49
C ASN C 292 15.14 29.91 -8.47
N LYS C 293 14.92 31.08 -9.10
CA LYS C 293 15.85 32.21 -9.15
C LYS C 293 17.17 31.81 -9.84
N GLN C 294 17.03 31.14 -10.98
CA GLN C 294 18.20 30.79 -11.78
C GLN C 294 18.88 32.04 -12.35
N ASP C 295 18.08 33.00 -12.82
CA ASP C 295 18.62 34.25 -13.34
C ASP C 295 19.29 35.06 -12.24
N LEU C 296 18.69 35.08 -11.04
CA LEU C 296 19.29 35.79 -9.91
C LEU C 296 20.61 35.16 -9.49
N LEU C 297 20.67 33.83 -9.46
CA LEU C 297 21.92 33.13 -9.14
C LEU C 297 22.99 33.38 -10.20
N ALA C 298 22.57 33.42 -11.47
CA ALA C 298 23.50 33.71 -12.55
C ALA C 298 24.05 35.14 -12.45
N GLU C 299 23.18 36.10 -12.12
CA GLU C 299 23.63 37.48 -11.93
C GLU C 299 24.57 37.61 -10.74
N LYS C 300 24.30 36.87 -9.66
CA LYS C 300 25.16 36.91 -8.49
C LYS C 300 26.54 36.33 -8.77
N VAL C 301 26.60 35.18 -9.47
CA VAL C 301 27.91 34.58 -9.75
C VAL C 301 28.66 35.39 -10.82
N LEU C 302 27.96 35.96 -11.81
CA LEU C 302 28.61 36.81 -12.80
C LEU C 302 29.09 38.13 -12.20
N ALA C 303 28.42 38.62 -11.15
CA ALA C 303 28.81 39.86 -10.49
C ALA C 303 30.21 39.81 -9.86
N GLY C 304 30.72 38.61 -9.57
CA GLY C 304 32.03 38.46 -8.98
C GLY C 304 32.05 38.31 -7.48
N LYS C 305 30.89 38.24 -6.83
CA LYS C 305 30.81 37.98 -5.40
C LYS C 305 30.67 36.48 -5.17
N SER C 306 31.64 35.90 -4.47
CA SER C 306 31.66 34.46 -4.22
C SER C 306 30.82 34.13 -2.99
N LYS C 307 29.52 34.34 -3.13
CA LYS C 307 28.59 34.01 -2.05
C LYS C 307 28.49 32.51 -1.86
N ILE C 308 28.46 31.74 -2.95
CA ILE C 308 28.30 30.29 -2.85
C ILE C 308 29.62 29.64 -2.44
N GLU C 309 30.76 30.19 -2.87
CA GLU C 309 32.06 29.67 -2.43
C GLU C 309 32.30 29.92 -0.95
N ASP C 310 31.87 31.08 -0.45
CA ASP C 310 31.96 31.35 0.99
C ASP C 310 30.99 30.47 1.77
N TYR C 311 29.75 30.37 1.30
CA TYR C 311 28.75 29.55 2.00
C TYR C 311 29.08 28.06 1.90
N PHE C 312 29.49 27.58 0.73
CA PHE C 312 29.80 26.17 0.51
C PHE C 312 31.26 26.02 0.11
N PRO C 313 32.08 25.34 0.91
CA PRO C 313 33.49 25.17 0.55
C PRO C 313 33.73 24.19 -0.59
N GLU C 314 32.88 23.16 -0.71
CA GLU C 314 33.03 22.12 -1.73
C GLU C 314 32.91 22.66 -3.14
N PHE C 315 32.21 23.79 -3.32
CA PHE C 315 32.05 24.42 -4.63
C PHE C 315 33.37 24.79 -5.28
N ALA C 316 34.37 25.18 -4.48
CA ALA C 316 35.69 25.49 -5.02
C ALA C 316 36.36 24.25 -5.64
N ARG C 317 36.33 23.14 -4.92
CA ARG C 317 36.86 21.87 -5.43
C ARG C 317 35.74 21.02 -6.03
N TYR C 318 35.06 21.60 -7.03
CA TYR C 318 33.93 20.94 -7.67
C TYR C 318 34.06 21.01 -9.18
N THR C 319 33.76 19.90 -9.84
CA THR C 319 33.81 19.78 -11.29
C THR C 319 32.41 19.51 -11.83
N THR C 320 32.06 20.17 -12.93
CA THR C 320 30.75 20.02 -13.56
C THR C 320 30.60 18.59 -14.09
N PRO C 321 29.48 17.92 -13.83
CA PRO C 321 29.29 16.55 -14.31
C PRO C 321 29.11 16.51 -15.82
N GLU C 322 29.71 15.48 -16.44
CA GLU C 322 29.67 15.34 -17.90
C GLU C 322 28.28 14.97 -18.40
N ASP C 323 27.52 14.18 -17.64
CA ASP C 323 26.17 13.78 -18.06
C ASP C 323 25.20 14.96 -18.07
N ALA C 324 25.42 15.93 -17.18
CA ALA C 324 24.59 17.13 -17.12
C ALA C 324 24.70 17.94 -18.40
N THR C 325 23.57 18.50 -18.84
CA THR C 325 23.51 19.24 -20.09
C THR C 325 23.39 20.74 -19.80
N PRO C 326 24.28 21.57 -20.35
CA PRO C 326 24.18 23.01 -20.11
C PRO C 326 23.32 23.73 -21.13
N GLU C 327 22.43 24.59 -20.65
CA GLU C 327 21.60 25.40 -21.54
C GLU C 327 22.47 26.43 -22.26
N PRO C 328 22.13 26.75 -23.52
CA PRO C 328 22.93 27.74 -24.26
C PRO C 328 22.78 29.14 -23.69
N GLY C 329 23.85 29.91 -23.79
CA GLY C 329 23.88 31.26 -23.24
C GLY C 329 24.24 31.33 -21.77
N GLU C 330 24.64 30.22 -21.16
CA GLU C 330 24.98 30.16 -19.75
C GLU C 330 26.48 29.99 -19.58
N ASP C 331 27.05 30.77 -18.65
CA ASP C 331 28.45 30.65 -18.28
C ASP C 331 28.68 29.28 -17.65
N PRO C 332 29.86 28.66 -17.85
CA PRO C 332 30.18 27.44 -17.10
C PRO C 332 30.18 27.60 -15.59
N ARG C 333 30.48 28.79 -15.06
CA ARG C 333 30.34 29.03 -13.63
C ARG C 333 28.89 28.93 -13.18
N VAL C 334 27.96 29.42 -14.01
CA VAL C 334 26.53 29.34 -13.69
C VAL C 334 26.08 27.89 -13.63
N THR C 335 26.46 27.10 -14.64
CA THR C 335 26.12 25.67 -14.66
C THR C 335 26.79 24.92 -13.53
N ARG C 336 28.02 25.31 -13.18
CA ARG C 336 28.73 24.68 -12.06
C ARG C 336 28.00 24.92 -10.74
N ALA C 337 27.51 26.15 -10.52
CA ALA C 337 26.74 26.44 -9.32
C ALA C 337 25.40 25.70 -9.31
N LYS C 338 24.73 25.67 -10.47
CA LYS C 338 23.42 25.02 -10.60
C LYS C 338 23.51 23.53 -10.31
N TYR C 339 24.43 22.84 -10.98
CA TYR C 339 24.57 21.41 -10.77
C TYR C 339 25.23 21.09 -9.44
N PHE C 340 25.99 22.03 -8.86
CA PHE C 340 26.50 21.84 -7.50
C PHE C 340 25.37 21.80 -6.48
N ILE C 341 24.41 22.74 -6.58
CA ILE C 341 23.26 22.72 -5.69
C ILE C 341 22.40 21.48 -5.95
N ARG C 342 22.29 21.09 -7.23
CA ARG C 342 21.57 19.89 -7.61
C ARG C 342 22.21 18.64 -7.00
N ASP C 343 23.55 18.58 -7.00
CA ASP C 343 24.27 17.47 -6.38
C ASP C 343 24.17 17.50 -4.86
N GLU C 344 24.06 18.68 -4.25
CA GLU C 344 23.79 18.75 -2.81
C GLU C 344 22.46 18.09 -2.45
N PHE C 345 21.41 18.43 -3.21
CA PHE C 345 20.12 17.77 -3.01
C PHE C 345 20.17 16.29 -3.34
N LEU C 346 20.95 15.91 -4.36
CA LEU C 346 21.09 14.49 -4.69
C LEU C 346 21.81 13.71 -3.60
N ARG C 347 22.85 14.29 -2.99
CA ARG C 347 23.53 13.60 -1.90
C ARG C 347 22.63 13.46 -0.68
N ILE C 348 21.82 14.48 -0.40
CA ILE C 348 20.85 14.37 0.71
C ILE C 348 19.80 13.29 0.41
N SER C 349 19.34 13.22 -0.84
CA SER C 349 18.34 12.21 -1.19
C SER C 349 18.92 10.81 -1.24
N THR C 350 20.18 10.65 -1.62
CA THR C 350 20.80 9.34 -1.75
C THR C 350 21.55 8.88 -0.51
N ALA C 351 21.66 9.74 0.52
CA ALA C 351 22.28 9.31 1.77
C ALA C 351 21.48 8.20 2.45
N SER C 352 20.14 8.30 2.43
CA SER C 352 19.31 7.24 2.97
C SER C 352 19.39 5.98 2.13
N GLY C 353 19.26 6.13 0.80
CA GLY C 353 19.32 5.00 -0.11
C GLY C 353 18.21 3.98 0.03
N ASP C 354 17.06 4.38 0.57
CA ASP C 354 15.95 3.45 0.75
C ASP C 354 15.35 3.01 -0.58
N GLY C 355 15.13 3.96 -1.49
CA GLY C 355 14.57 3.64 -2.79
C GLY C 355 13.06 3.54 -2.84
N ARG C 356 12.38 3.66 -1.70
CA ARG C 356 10.92 3.62 -1.68
C ARG C 356 10.32 4.87 -2.31
N HIS C 357 10.91 6.03 -2.06
CA HIS C 357 10.46 7.31 -2.60
C HIS C 357 11.63 8.00 -3.28
N TYR C 358 11.35 8.70 -4.38
CA TYR C 358 12.37 9.29 -5.24
C TYR C 358 12.21 10.80 -5.33
N CYS C 359 13.34 11.50 -5.45
CA CYS C 359 13.37 12.96 -5.59
C CYS C 359 13.78 13.32 -7.00
N TYR C 360 13.03 14.22 -7.63
CA TYR C 360 13.37 14.70 -8.97
C TYR C 360 13.72 16.18 -8.91
N PRO C 361 14.96 16.56 -9.21
CA PRO C 361 15.31 17.98 -9.20
C PRO C 361 15.19 18.63 -10.56
N HIS C 362 14.44 19.72 -10.64
CA HIS C 362 14.25 20.45 -11.89
C HIS C 362 14.51 21.93 -11.68
N PHE C 363 15.39 22.50 -12.50
CA PHE C 363 15.64 23.93 -12.48
C PHE C 363 14.44 24.67 -13.08
N THR C 364 14.05 25.77 -12.45
CA THR C 364 12.91 26.55 -12.92
C THR C 364 13.26 28.03 -12.98
N CYS C 365 12.88 28.66 -14.09
CA CYS C 365 13.09 30.09 -14.28
C CYS C 365 12.07 30.90 -13.50
N ALA C 366 12.32 32.21 -13.43
CA ALA C 366 11.38 33.12 -12.77
C ALA C 366 10.03 33.15 -13.47
N VAL C 367 10.03 33.19 -14.80
CA VAL C 367 8.81 33.11 -15.59
C VAL C 367 8.96 31.93 -16.55
N ASP C 368 8.14 30.91 -16.38
CA ASP C 368 8.19 29.73 -17.23
C ASP C 368 6.83 29.03 -17.19
N THR C 369 6.44 28.47 -18.33
CA THR C 369 5.23 27.67 -18.45
C THR C 369 5.49 26.17 -18.42
N GLU C 370 6.76 25.75 -18.53
CA GLU C 370 7.13 24.35 -18.57
C GLU C 370 6.90 23.63 -17.24
N ASN C 371 6.75 24.38 -16.14
CA ASN C 371 6.66 23.80 -14.80
C ASN C 371 5.47 22.87 -14.64
N ILE C 372 4.33 23.21 -15.26
CA ILE C 372 3.14 22.37 -15.18
C ILE C 372 3.38 21.03 -15.87
N ARG C 373 4.06 21.05 -17.03
CA ARG C 373 4.38 19.82 -17.74
C ARG C 373 5.42 19.00 -16.99
N ARG C 374 6.37 19.68 -16.32
CA ARG C 374 7.35 18.99 -15.50
C ARG C 374 6.70 18.29 -14.30
N VAL C 375 5.74 18.96 -13.66
CA VAL C 375 4.99 18.35 -12.56
C VAL C 375 4.17 17.17 -13.07
N PHE C 376 3.58 17.30 -14.26
CA PHE C 376 2.80 16.23 -14.86
C PHE C 376 3.66 14.99 -15.13
N ASN C 377 4.84 15.19 -15.73
CA ASN C 377 5.75 14.08 -16.02
C ASN C 377 6.30 13.46 -14.74
N ASP C 378 6.63 14.28 -13.74
CA ASP C 378 7.13 13.77 -12.48
C ASP C 378 6.08 12.96 -11.74
N CYS C 379 4.82 13.43 -11.73
CA CYS C 379 3.74 12.67 -11.11
C CYS C 379 3.45 11.38 -11.88
N ARG C 380 3.61 11.39 -13.21
CA ARG C 380 3.56 10.16 -13.99
C ARG C 380 4.60 9.16 -13.50
N ASP C 381 5.84 9.63 -13.32
CA ASP C 381 6.93 8.76 -12.88
C ASP C 381 6.68 8.25 -11.45
N ILE C 382 6.11 9.10 -10.59
CA ILE C 382 5.81 8.71 -9.20
C ILE C 382 4.76 7.61 -9.16
N ILE C 383 3.67 7.78 -9.91
CA ILE C 383 2.60 6.79 -9.94
C ILE C 383 3.08 5.48 -10.57
N GLN C 384 3.86 5.58 -11.66
CA GLN C 384 4.38 4.39 -12.32
C GLN C 384 5.36 3.63 -11.42
N ARG C 385 6.26 4.33 -10.73
CA ARG C 385 7.19 3.65 -9.82
C ARG C 385 6.48 3.07 -8.60
N MET C 386 5.42 3.73 -8.12
CA MET C 386 4.62 3.16 -7.03
C MET C 386 3.93 1.87 -7.47
N HIS C 387 3.42 1.84 -8.70
CA HIS C 387 2.81 0.63 -9.24
C HIS C 387 3.85 -0.47 -9.44
N LEU C 388 5.04 -0.12 -9.93
CA LEU C 388 6.15 -1.07 -10.04
C LEU C 388 6.55 -1.63 -8.67
N ARG C 389 6.51 -0.80 -7.63
CA ARG C 389 6.73 -1.29 -6.27
C ARG C 389 5.63 -2.27 -5.84
N GLN C 390 4.39 -1.98 -6.22
CA GLN C 390 3.28 -2.90 -5.92
C GLN C 390 3.45 -4.23 -6.64
N TYR C 391 3.92 -4.20 -7.89
CA TYR C 391 4.21 -5.42 -8.66
C TYR C 391 5.52 -6.08 -8.29
N GLU C 392 6.35 -5.44 -7.45
CA GLU C 392 7.65 -5.89 -6.95
C GLU C 392 8.69 -5.93 -8.06
N LEU C 393 8.41 -5.30 -9.20
CA LEU C 393 9.40 -5.21 -10.28
C LEU C 393 10.56 -4.31 -9.90
N LEU C 394 10.28 -3.23 -9.16
CA LEU C 394 11.34 -2.40 -8.60
C LEU C 394 11.26 -2.37 -7.09
N GLU D 8 17.90 44.14 32.91
CA GLU D 8 16.45 44.01 32.97
C GLU D 8 16.01 42.57 32.76
N LEU D 9 16.65 41.89 31.80
CA LEU D 9 16.30 40.51 31.52
C LEU D 9 16.89 39.54 32.54
N ASP D 10 18.05 39.87 33.10
CA ASP D 10 18.72 38.97 34.05
C ASP D 10 17.94 38.86 35.35
N GLN D 11 17.47 40.00 35.88
CA GLN D 11 16.74 39.99 37.14
C GLN D 11 15.37 39.34 37.03
N LEU D 12 14.85 39.18 35.81
CA LEU D 12 13.59 38.47 35.60
C LEU D 12 13.81 36.98 35.31
N ARG D 13 14.86 36.65 34.55
CA ARG D 13 15.15 35.24 34.28
C ARG D 13 15.64 34.51 35.53
N GLN D 14 16.49 35.16 36.33
CA GLN D 14 16.92 34.55 37.59
C GLN D 14 15.76 34.44 38.59
N GLU D 15 14.84 35.40 38.58
CA GLU D 15 13.64 35.30 39.41
C GLU D 15 12.75 34.14 38.97
N ALA D 16 12.62 33.93 37.66
CA ALA D 16 11.87 32.79 37.14
C ALA D 16 12.54 31.47 37.52
N GLU D 17 13.88 31.41 37.47
CA GLU D 17 14.60 30.21 37.90
C GLU D 17 14.42 29.95 39.40
N GLN D 18 14.43 31.01 40.20
CA GLN D 18 14.17 30.87 41.64
C GLN D 18 12.75 30.37 41.91
N LEU D 19 11.77 30.89 41.17
CA LEU D 19 10.39 30.42 41.34
C LEU D 19 10.23 28.96 40.92
N LYS D 20 10.90 28.56 39.83
CA LYS D 20 10.89 27.15 39.43
C LYS D 20 11.56 26.26 40.46
N ASN D 21 12.66 26.74 41.07
CA ASN D 21 13.31 25.97 42.13
C ASN D 21 12.42 25.86 43.36
N GLN D 22 11.68 26.92 43.68
CA GLN D 22 10.73 26.86 44.79
C GLN D 22 9.60 25.88 44.52
N ILE D 23 9.10 25.84 43.27
CA ILE D 23 8.07 24.87 42.91
C ILE D 23 8.60 23.44 42.98
N ARG D 24 9.84 23.22 42.51
CA ARG D 24 10.47 21.90 42.62
C ARG D 24 10.67 21.48 44.06
N ASP D 25 11.09 22.42 44.93
CA ASP D 25 11.28 22.10 46.33
C ASP D 25 9.96 21.83 47.05
N ALA D 26 8.90 22.55 46.67
CA ALA D 26 7.57 22.27 47.21
C ALA D 26 7.06 20.90 46.77
N ARG D 27 7.33 20.52 45.51
CA ARG D 27 6.93 19.20 45.03
C ARG D 27 7.72 18.09 45.73
N LYS D 28 9.02 18.30 45.96
CA LYS D 28 9.82 17.32 46.68
C LYS D 28 9.42 17.24 48.15
N ALA D 29 8.97 18.36 48.74
CA ALA D 29 8.49 18.33 50.12
C ALA D 29 7.15 17.61 50.22
N CYS D 30 6.27 17.80 49.24
CA CYS D 30 4.96 17.16 49.27
C CYS D 30 5.00 15.71 48.78
N ALA D 31 6.12 15.26 48.22
CA ALA D 31 6.25 13.88 47.74
C ALA D 31 6.47 12.97 48.95
N ASP D 32 5.36 12.56 49.58
CA ASP D 32 5.45 11.73 50.77
C ASP D 32 5.65 10.26 50.44
N ALA D 33 5.17 9.82 49.28
CA ALA D 33 5.24 8.42 48.87
C ALA D 33 5.02 8.35 47.36
N THR D 34 4.95 7.14 46.83
CA THR D 34 4.80 6.90 45.41
C THR D 34 3.53 6.06 45.20
N LEU D 35 2.88 6.25 44.05
CA LEU D 35 1.68 5.48 43.73
C LEU D 35 1.99 4.00 43.56
N SER D 36 3.15 3.68 42.96
CA SER D 36 3.53 2.28 42.71
C SER D 36 3.75 1.53 44.02
N GLN D 37 4.36 2.18 45.00
CA GLN D 37 4.67 1.53 46.28
C GLN D 37 3.41 1.14 47.04
N ILE D 38 2.44 2.04 47.13
CA ILE D 38 1.19 1.70 47.80
C ILE D 38 0.32 0.78 46.95
N THR D 39 0.41 0.86 45.62
CA THR D 39 -0.40 -0.03 44.78
C THR D 39 0.26 -1.38 44.53
N ASN D 40 1.43 -1.65 45.13
CA ASN D 40 1.98 -3.00 45.07
C ASN D 40 1.06 -4.03 45.73
N ASN D 41 0.40 -3.66 46.83
CA ASN D 41 -0.54 -4.55 47.51
C ASN D 41 -1.96 -4.35 46.96
N ILE D 42 -2.09 -4.56 45.65
CA ILE D 42 -3.35 -4.48 44.93
C ILE D 42 -3.42 -5.71 44.01
N ASP D 43 -4.58 -6.36 43.98
CA ASP D 43 -4.78 -7.53 43.13
C ASP D 43 -4.65 -7.14 41.65
N PRO D 44 -3.80 -7.82 40.88
CA PRO D 44 -3.62 -7.43 39.47
C PRO D 44 -4.82 -7.79 38.62
N VAL D 45 -5.05 -6.97 37.59
CA VAL D 45 -6.13 -7.21 36.64
C VAL D 45 -5.88 -8.48 35.83
N GLY D 46 -4.64 -8.68 35.40
CA GLY D 46 -4.32 -9.82 34.57
C GLY D 46 -4.48 -9.52 33.10
N ARG D 47 -4.31 -10.58 32.30
CA ARG D 47 -4.47 -10.47 30.85
C ARG D 47 -5.92 -10.17 30.49
N ILE D 48 -6.12 -9.19 29.62
CA ILE D 48 -7.44 -8.77 29.16
C ILE D 48 -7.54 -9.08 27.67
N GLN D 49 -8.54 -9.87 27.29
CA GLN D 49 -8.80 -10.23 25.91
C GLN D 49 -10.03 -9.47 25.43
N MET D 50 -9.85 -8.61 24.44
CA MET D 50 -10.94 -7.83 23.84
C MET D 50 -11.09 -8.26 22.40
N ARG D 51 -12.31 -8.65 22.02
CA ARG D 51 -12.59 -9.12 20.67
C ARG D 51 -13.19 -8.00 19.84
N THR D 52 -12.80 -7.93 18.58
CA THR D 52 -13.41 -6.99 17.65
C THR D 52 -14.82 -7.43 17.32
N ARG D 53 -15.80 -6.61 17.67
CA ARG D 53 -17.20 -6.96 17.43
C ARG D 53 -17.75 -6.33 16.17
N ARG D 54 -17.37 -5.10 15.86
CA ARG D 54 -17.81 -4.43 14.64
C ARG D 54 -16.59 -3.85 13.93
N THR D 55 -16.76 -3.58 12.64
CA THR D 55 -15.69 -3.00 11.82
C THR D 55 -16.33 -2.04 10.83
N LEU D 56 -16.11 -0.75 11.03
CA LEU D 56 -16.76 0.30 10.26
C LEU D 56 -15.90 0.63 9.04
N ARG D 57 -16.42 0.33 7.84
CA ARG D 57 -15.69 0.54 6.60
C ARG D 57 -16.46 1.52 5.71
N GLY D 58 -16.18 2.81 5.86
CA GLY D 58 -16.77 3.80 4.99
C GLY D 58 -15.80 4.84 4.43
N HIS D 59 -14.68 5.02 5.12
CA HIS D 59 -13.78 6.12 4.80
C HIS D 59 -12.82 5.76 3.67
N LEU D 60 -12.42 6.78 2.93
CA LEU D 60 -11.52 6.64 1.79
C LEU D 60 -10.07 6.95 2.15
N ALA D 61 -9.84 8.02 2.88
CA ALA D 61 -8.52 8.42 3.33
C ALA D 61 -8.33 8.02 4.80
N LYS D 62 -7.23 8.47 5.40
CA LYS D 62 -6.94 8.14 6.78
C LYS D 62 -7.90 8.85 7.74
N ILE D 63 -8.33 8.12 8.76
CA ILE D 63 -9.25 8.62 9.78
C ILE D 63 -8.41 9.27 10.86
N TYR D 64 -8.43 10.61 10.92
CA TYR D 64 -7.48 11.26 11.82
C TYR D 64 -7.97 11.27 13.27
N ALA D 65 -9.26 11.52 13.50
CA ALA D 65 -9.74 11.68 14.87
C ALA D 65 -11.19 11.24 14.95
N MET D 66 -11.63 10.93 16.18
CA MET D 66 -13.00 10.55 16.42
C MET D 66 -13.43 10.99 17.81
N HIS D 67 -14.75 10.98 18.03
CA HIS D 67 -15.33 11.34 19.31
C HIS D 67 -16.63 10.57 19.48
N TRP D 68 -16.74 9.81 20.56
CA TRP D 68 -17.98 9.11 20.87
C TRP D 68 -19.08 10.07 21.31
N GLY D 69 -20.33 9.63 21.09
CA GLY D 69 -21.47 10.32 21.63
C GLY D 69 -21.77 9.92 23.07
N THR D 70 -22.61 10.73 23.71
CA THR D 70 -22.95 10.51 25.11
C THR D 70 -24.00 9.42 25.31
N ASP D 71 -24.62 8.94 24.24
CA ASP D 71 -25.60 7.86 24.33
C ASP D 71 -24.98 6.48 24.07
N SER D 72 -23.67 6.45 23.77
CA SER D 72 -22.91 5.22 23.44
C SER D 72 -23.50 4.51 22.22
N ARG D 73 -24.10 5.26 21.31
CA ARG D 73 -24.77 4.72 20.14
C ARG D 73 -24.17 5.24 18.84
N LEU D 74 -23.92 6.54 18.74
CA LEU D 74 -23.43 7.17 17.54
C LEU D 74 -22.01 7.69 17.75
N LEU D 75 -21.16 7.49 16.75
CA LEU D 75 -19.79 7.98 16.81
C LEU D 75 -19.50 8.83 15.57
N VAL D 76 -18.67 9.85 15.75
CA VAL D 76 -18.31 10.77 14.67
C VAL D 76 -16.86 10.53 14.30
N SER D 77 -16.59 10.31 13.01
CA SER D 77 -15.24 10.09 12.53
C SER D 77 -14.93 11.03 11.36
N ALA D 78 -13.75 11.65 11.41
CA ALA D 78 -13.31 12.60 10.39
C ALA D 78 -12.15 12.02 9.59
N SER D 79 -12.20 12.19 8.26
CA SER D 79 -11.13 11.70 7.41
C SER D 79 -10.58 12.83 6.54
N GLN D 80 -9.34 12.64 6.09
CA GLN D 80 -8.63 13.64 5.31
C GLN D 80 -9.17 13.81 3.90
N ASP D 81 -9.97 12.87 3.40
CA ASP D 81 -10.57 13.01 2.07
C ASP D 81 -11.57 14.16 1.99
N GLY D 82 -12.08 14.64 3.12
CA GLY D 82 -13.14 15.61 3.15
C GLY D 82 -14.47 15.07 3.62
N LYS D 83 -14.49 13.87 4.21
CA LYS D 83 -15.72 13.26 4.68
C LYS D 83 -15.77 13.20 6.20
N LEU D 84 -16.88 13.67 6.76
CA LEU D 84 -17.21 13.53 8.16
C LEU D 84 -18.40 12.57 8.25
N ILE D 85 -18.20 11.42 8.88
CA ILE D 85 -19.21 10.37 8.88
C ILE D 85 -19.65 10.09 10.31
N ILE D 86 -20.95 10.10 10.53
CA ILE D 86 -21.56 9.72 11.80
C ILE D 86 -22.09 8.31 11.64
N TRP D 87 -21.53 7.40 12.44
CA TRP D 87 -21.74 5.97 12.40
C TRP D 87 -22.66 5.51 13.51
N ASP D 88 -23.44 4.48 13.21
CA ASP D 88 -24.18 3.71 14.20
C ASP D 88 -23.32 2.50 14.56
N SER D 89 -22.86 2.45 15.81
CA SER D 89 -21.91 1.43 16.25
C SER D 89 -22.53 0.03 16.25
N TYR D 90 -23.81 -0.08 16.61
CA TYR D 90 -24.43 -1.40 16.76
C TYR D 90 -24.60 -2.11 15.42
N THR D 91 -25.09 -1.41 14.41
CA THR D 91 -25.48 -2.04 13.15
C THR D 91 -24.54 -1.79 11.99
N THR D 92 -23.42 -1.07 12.22
CA THR D 92 -22.44 -0.67 11.20
C THR D 92 -23.09 0.08 10.04
N ASN D 93 -24.06 0.94 10.34
CA ASN D 93 -24.74 1.74 9.33
C ASN D 93 -24.32 3.19 9.46
N LYS D 94 -24.07 3.82 8.32
CA LYS D 94 -23.67 5.22 8.28
C LYS D 94 -24.91 6.08 8.42
N VAL D 95 -25.07 6.70 9.59
CA VAL D 95 -26.24 7.55 9.81
C VAL D 95 -26.10 8.85 9.04
N HIS D 96 -24.92 9.46 9.04
CA HIS D 96 -24.73 10.74 8.35
C HIS D 96 -23.42 10.77 7.59
N ALA D 97 -23.45 11.34 6.38
CA ALA D 97 -22.26 11.64 5.61
C ALA D 97 -22.27 13.14 5.29
N ILE D 98 -21.19 13.83 5.64
CA ILE D 98 -21.07 15.27 5.44
C ILE D 98 -19.84 15.50 4.56
N PRO D 99 -19.97 16.17 3.42
CA PRO D 99 -18.80 16.54 2.64
C PRO D 99 -18.20 17.86 3.12
N LEU D 100 -16.99 17.77 3.65
CA LEU D 100 -16.34 18.94 4.23
C LEU D 100 -15.78 19.84 3.14
N ARG D 101 -15.82 21.15 3.40
CA ARG D 101 -15.30 22.12 2.44
C ARG D 101 -13.79 22.03 2.32
N SER D 102 -13.09 21.84 3.44
CA SER D 102 -11.65 21.65 3.46
C SER D 102 -11.36 20.18 3.70
N SER D 103 -10.47 19.61 2.88
CA SER D 103 -10.15 18.20 2.98
C SER D 103 -9.42 17.88 4.29
N TRP D 104 -8.48 18.73 4.68
CA TRP D 104 -7.71 18.47 5.90
C TRP D 104 -8.52 18.86 7.11
N VAL D 105 -8.86 17.85 7.92
CA VAL D 105 -9.60 18.03 9.16
C VAL D 105 -8.90 17.22 10.24
N MET D 106 -8.51 17.90 11.34
CA MET D 106 -7.73 17.29 12.39
C MET D 106 -8.55 16.91 13.62
N THR D 107 -9.81 17.32 13.70
CA THR D 107 -10.61 16.98 14.87
C THR D 107 -12.09 16.98 14.54
N CYS D 108 -12.85 16.25 15.34
CA CYS D 108 -14.30 16.26 15.29
C CYS D 108 -14.83 16.04 16.72
N ALA D 109 -15.98 16.65 16.99
CA ALA D 109 -16.61 16.57 18.29
C ALA D 109 -18.12 16.46 18.12
N TYR D 110 -18.75 15.77 19.07
CA TYR D 110 -20.19 15.54 19.09
C TYR D 110 -20.74 16.18 20.35
N ALA D 111 -21.78 17.01 20.20
CA ALA D 111 -22.38 17.71 21.32
C ALA D 111 -23.07 16.73 22.27
N PRO D 112 -23.08 17.02 23.57
CA PRO D 112 -23.79 16.14 24.52
C PRO D 112 -25.29 16.06 24.26
N SER D 113 -25.91 17.15 23.83
CA SER D 113 -27.29 17.09 23.36
C SER D 113 -27.40 16.28 22.06
N GLY D 114 -26.38 16.39 21.20
CA GLY D 114 -26.36 15.68 19.94
C GLY D 114 -26.74 16.51 18.73
N ASN D 115 -27.18 17.76 18.93
CA ASN D 115 -27.62 18.59 17.82
C ASN D 115 -26.48 19.00 16.90
N TYR D 116 -25.30 19.27 17.46
CA TYR D 116 -24.21 19.88 16.71
C TYR D 116 -23.00 18.97 16.64
N VAL D 117 -22.36 18.95 15.48
CA VAL D 117 -21.10 18.24 15.26
C VAL D 117 -20.09 19.24 14.71
N ALA D 118 -18.89 19.27 15.30
CA ALA D 118 -17.88 20.24 14.89
C ALA D 118 -16.65 19.54 14.35
N CYS D 119 -16.03 20.15 13.34
CA CYS D 119 -14.79 19.65 12.76
C CYS D 119 -13.79 20.79 12.62
N GLY D 120 -12.52 20.46 12.81
CA GLY D 120 -11.45 21.43 12.67
C GLY D 120 -10.27 20.87 11.92
N GLY D 121 -9.59 21.76 11.19
CA GLY D 121 -8.50 21.36 10.33
C GLY D 121 -7.46 22.42 10.00
N LEU D 122 -6.64 22.15 8.98
CA LEU D 122 -5.59 23.05 8.55
C LEU D 122 -6.11 24.37 8.00
N ASP D 123 -7.36 24.40 7.52
CA ASP D 123 -8.00 25.63 7.05
C ASP D 123 -8.12 26.72 8.12
N ASN D 124 -7.90 26.39 9.40
CA ASN D 124 -7.97 27.24 10.58
C ASN D 124 -9.39 27.69 10.90
N ILE D 125 -10.37 26.99 10.33
CA ILE D 125 -11.78 27.32 10.51
C ILE D 125 -12.46 26.10 11.12
N CYS D 126 -13.20 26.33 12.20
CA CYS D 126 -13.98 25.27 12.84
C CYS D 126 -15.39 25.32 12.28
N SER D 127 -15.84 24.20 11.72
CA SER D 127 -17.15 24.14 11.09
C SER D 127 -18.09 23.35 12.00
N ILE D 128 -19.21 23.98 12.36
CA ILE D 128 -20.22 23.39 13.23
C ILE D 128 -21.44 23.16 12.37
N TYR D 129 -21.92 21.91 12.37
CA TYR D 129 -23.04 21.43 11.59
C TYR D 129 -24.20 21.09 12.52
N ASN D 130 -25.39 21.54 12.17
CA ASN D 130 -26.60 21.23 12.94
C ASN D 130 -27.25 19.97 12.39
N LEU D 131 -27.49 18.99 13.27
CA LEU D 131 -28.12 17.74 12.89
C LEU D 131 -29.63 17.75 13.03
N LYS D 132 -30.23 18.91 13.35
CA LYS D 132 -31.68 19.00 13.44
C LYS D 132 -32.33 18.76 12.07
N THR D 133 -31.73 19.31 11.01
CA THR D 133 -32.10 19.11 9.60
C THR D 133 -33.57 19.43 9.34
N ARG D 134 -33.95 20.67 9.67
CA ARG D 134 -35.29 21.14 9.35
C ARG D 134 -35.50 21.23 7.84
N GLU D 135 -34.47 21.63 7.10
CA GLU D 135 -34.52 21.54 5.64
C GLU D 135 -34.47 20.09 5.17
N GLY D 136 -33.71 19.25 5.88
CA GLY D 136 -33.53 17.87 5.51
C GLY D 136 -32.15 17.54 4.97
N ASN D 137 -31.28 18.53 4.81
CA ASN D 137 -29.92 18.34 4.33
C ASN D 137 -28.96 18.96 5.33
N VAL D 138 -27.84 18.27 5.56
CA VAL D 138 -26.85 18.76 6.51
C VAL D 138 -26.11 19.95 5.90
N ARG D 139 -26.14 21.08 6.61
CA ARG D 139 -25.54 22.32 6.16
C ARG D 139 -24.70 22.91 7.29
N VAL D 140 -23.75 23.77 6.91
CA VAL D 140 -22.90 24.43 7.88
C VAL D 140 -23.75 25.36 8.74
N SER D 141 -23.83 25.08 10.04
CA SER D 141 -24.50 26.00 10.94
C SER D 141 -23.64 27.24 11.16
N ARG D 142 -22.33 27.05 11.38
CA ARG D 142 -21.45 28.20 11.54
C ARG D 142 -20.01 27.80 11.20
N GLU D 143 -19.23 28.79 10.75
CA GLU D 143 -17.81 28.64 10.51
C GLU D 143 -17.05 29.67 11.35
N LEU D 144 -16.02 29.23 12.07
CA LEU D 144 -15.26 30.08 12.97
C LEU D 144 -13.83 30.22 12.47
N ALA D 145 -13.38 31.47 12.31
CA ALA D 145 -12.04 31.77 11.81
C ALA D 145 -11.39 32.82 12.72
N GLY D 146 -10.81 32.37 13.84
CA GLY D 146 -10.10 33.27 14.73
C GLY D 146 -8.67 32.86 15.05
N HIS D 147 -8.23 31.73 14.49
CA HIS D 147 -6.93 31.16 14.82
C HIS D 147 -5.98 31.29 13.63
N THR D 148 -4.78 31.84 13.87
CA THR D 148 -3.76 31.86 12.82
C THR D 148 -3.15 30.48 12.63
N GLY D 149 -2.85 29.77 13.71
CA GLY D 149 -2.23 28.46 13.62
C GLY D 149 -3.21 27.36 13.26
N TYR D 150 -2.65 26.19 12.93
CA TYR D 150 -3.46 25.05 12.51
C TYR D 150 -4.34 24.54 13.65
N LEU D 151 -5.62 24.34 13.35
CA LEU D 151 -6.57 23.91 14.35
C LEU D 151 -6.38 22.41 14.62
N SER D 152 -6.31 22.03 15.89
CA SER D 152 -5.96 20.67 16.27
C SER D 152 -7.05 19.93 17.03
N CYS D 153 -7.79 20.59 17.91
CA CYS D 153 -8.77 19.88 18.75
C CYS D 153 -9.92 20.80 19.12
N CYS D 154 -11.12 20.23 19.17
CA CYS D 154 -12.31 20.94 19.64
C CYS D 154 -13.19 19.96 20.42
N ARG D 155 -13.87 20.48 21.43
CA ARG D 155 -14.76 19.68 22.29
C ARG D 155 -15.93 20.55 22.73
N PHE D 156 -17.13 19.97 22.73
CA PHE D 156 -18.34 20.68 23.12
C PHE D 156 -18.53 20.70 24.63
N LEU D 157 -18.62 21.90 25.20
CA LEU D 157 -19.15 22.03 26.56
C LEU D 157 -20.66 21.83 26.56
N ASP D 158 -21.35 22.53 25.68
CA ASP D 158 -22.80 22.47 25.54
C ASP D 158 -23.17 22.93 24.13
N ASP D 159 -24.45 23.26 23.93
CA ASP D 159 -24.93 23.65 22.61
C ASP D 159 -24.35 24.98 22.15
N ASN D 160 -24.10 25.91 23.07
CA ASN D 160 -23.75 27.27 22.69
C ASN D 160 -22.28 27.63 22.91
N GLN D 161 -21.51 26.83 23.63
CA GLN D 161 -20.11 27.11 23.88
C GLN D 161 -19.25 25.93 23.44
N ILE D 162 -18.10 26.23 22.86
CA ILE D 162 -17.16 25.20 22.42
C ILE D 162 -15.74 25.62 22.76
N VAL D 163 -14.98 24.71 23.38
CA VAL D 163 -13.56 24.92 23.64
C VAL D 163 -12.77 24.31 22.50
N THR D 164 -11.82 25.06 21.95
CA THR D 164 -11.12 24.69 20.74
C THR D 164 -9.62 24.91 20.93
N SER D 165 -8.82 24.03 20.31
CA SER D 165 -7.37 24.06 20.36
C SER D 165 -6.78 24.34 19.00
N SER D 166 -5.76 25.20 18.94
CA SER D 166 -5.10 25.54 17.70
C SER D 166 -3.59 25.47 17.88
N GLY D 167 -2.88 25.50 16.75
CA GLY D 167 -1.43 25.47 16.73
C GLY D 167 -0.73 26.76 17.09
N ASP D 168 -1.47 27.87 17.23
CA ASP D 168 -0.86 29.17 17.48
C ASP D 168 -0.64 29.46 18.96
N THR D 169 -0.49 28.41 19.78
CA THR D 169 -0.24 28.48 21.23
C THR D 169 -1.37 29.18 21.98
N THR D 170 -2.59 29.07 21.46
CA THR D 170 -3.77 29.65 22.08
C THR D 170 -4.88 28.62 22.13
N CYS D 171 -5.69 28.69 23.18
CA CYS D 171 -6.89 27.89 23.31
C CYS D 171 -8.07 28.86 23.36
N ALA D 172 -9.15 28.55 22.66
CA ALA D 172 -10.27 29.48 22.61
C ALA D 172 -11.53 28.88 23.21
N LEU D 173 -12.33 29.73 23.83
CA LEU D 173 -13.71 29.43 24.17
C LEU D 173 -14.58 30.31 23.29
N TRP D 174 -15.37 29.66 22.43
CA TRP D 174 -16.20 30.29 21.43
C TRP D 174 -17.66 30.21 21.86
N ASP D 175 -18.37 31.33 21.75
CA ASP D 175 -19.82 31.35 21.89
C ASP D 175 -20.42 31.12 20.51
N ILE D 176 -21.05 29.96 20.32
CA ILE D 176 -21.54 29.53 19.01
C ILE D 176 -22.67 30.45 18.52
N GLU D 177 -23.50 30.92 19.44
CA GLU D 177 -24.61 31.80 19.06
C GLU D 177 -24.11 33.15 18.50
N THR D 178 -23.18 33.78 19.21
CA THR D 178 -22.62 35.04 18.70
C THR D 178 -21.65 34.79 17.56
N GLY D 179 -20.86 33.73 17.64
CA GLY D 179 -19.82 33.47 16.66
C GLY D 179 -18.48 34.10 16.97
N GLN D 180 -18.34 34.73 18.13
CA GLN D 180 -17.10 35.35 18.56
C GLN D 180 -16.56 34.62 19.79
N GLN D 181 -15.24 34.66 19.95
CA GLN D 181 -14.59 34.00 21.08
C GLN D 181 -15.05 34.59 22.41
N THR D 182 -15.53 33.72 23.30
CA THR D 182 -15.84 34.17 24.65
C THR D 182 -14.57 34.53 25.40
N THR D 183 -13.54 33.70 25.29
CA THR D 183 -12.26 34.03 25.93
C THR D 183 -11.12 33.31 25.21
N THR D 184 -9.91 33.77 25.49
CA THR D 184 -8.71 33.19 24.91
C THR D 184 -7.70 32.88 26.00
N PHE D 185 -6.99 31.76 25.82
CA PHE D 185 -5.99 31.25 26.74
C PHE D 185 -4.64 31.32 26.03
N THR D 186 -3.70 32.09 26.60
CA THR D 186 -2.36 32.29 26.03
C THR D 186 -1.32 31.99 27.10
N GLY D 187 -1.01 30.71 27.28
CA GLY D 187 0.04 30.29 28.20
C GLY D 187 1.11 29.46 27.52
N HIS D 188 0.72 28.82 26.42
CA HIS D 188 1.57 27.85 25.74
C HIS D 188 2.73 28.52 25.01
N THR D 189 3.87 27.84 24.98
CA THR D 189 4.99 28.19 24.13
C THR D 189 5.15 27.22 22.96
N GLY D 190 4.27 26.22 22.85
CA GLY D 190 4.34 25.26 21.77
C GLY D 190 2.96 24.95 21.23
N ASP D 191 2.94 24.22 20.11
CA ASP D 191 1.69 23.87 19.43
C ASP D 191 0.79 23.04 20.33
N VAL D 192 -0.47 23.46 20.46
CA VAL D 192 -1.40 22.84 21.39
C VAL D 192 -2.05 21.68 20.65
N MET D 193 -1.62 20.45 20.95
CA MET D 193 -2.09 19.29 20.22
C MET D 193 -3.54 18.94 20.56
N SER D 194 -3.92 19.02 21.83
CA SER D 194 -5.25 18.51 22.19
C SER D 194 -5.70 19.08 23.51
N LEU D 195 -6.99 18.90 23.78
CA LEU D 195 -7.59 19.26 25.05
C LEU D 195 -8.63 18.21 25.41
N SER D 196 -8.88 18.09 26.71
CA SER D 196 -9.88 17.18 27.26
C SER D 196 -10.70 17.95 28.29
N LEU D 197 -12.02 17.83 28.19
CA LEU D 197 -12.94 18.48 29.10
C LEU D 197 -13.26 17.56 30.27
N ALA D 198 -13.26 18.11 31.47
CA ALA D 198 -13.65 17.36 32.64
C ALA D 198 -15.16 17.13 32.63
N PRO D 199 -15.65 16.07 33.31
CA PRO D 199 -17.11 15.82 33.35
C PRO D 199 -17.92 16.93 34.01
N ASP D 200 -17.41 17.52 35.10
CA ASP D 200 -18.12 18.66 35.71
C ASP D 200 -18.08 19.89 34.80
N THR D 201 -17.07 19.99 33.93
CA THR D 201 -16.80 21.01 32.88
C THR D 201 -16.29 22.31 33.48
N ARG D 202 -15.97 22.34 34.77
CA ARG D 202 -15.40 23.54 35.39
C ARG D 202 -13.99 23.83 34.86
N LEU D 203 -13.21 22.77 34.63
CA LEU D 203 -11.82 22.89 34.22
C LEU D 203 -11.57 22.02 33.00
N PHE D 204 -10.51 22.32 32.26
CA PHE D 204 -10.10 21.41 31.19
C PHE D 204 -8.58 21.35 31.13
N VAL D 205 -8.06 20.34 30.44
CA VAL D 205 -6.62 20.15 30.33
C VAL D 205 -6.20 20.21 28.86
N SER D 206 -5.07 20.85 28.60
CA SER D 206 -4.53 20.98 27.25
C SER D 206 -3.14 20.37 27.21
N GLY D 207 -2.99 19.33 26.39
CA GLY D 207 -1.67 18.82 26.04
C GLY D 207 -1.14 19.52 24.81
N ALA D 208 0.15 19.85 24.86
CA ALA D 208 0.78 20.67 23.82
C ALA D 208 2.17 20.14 23.48
N CYS D 209 2.71 20.68 22.38
CA CYS D 209 4.03 20.34 21.88
C CYS D 209 5.18 20.92 22.70
N ASP D 210 4.91 21.77 23.69
CA ASP D 210 5.99 22.34 24.49
C ASP D 210 6.36 21.48 25.69
N ALA D 211 6.00 20.19 25.66
CA ALA D 211 6.29 19.19 26.71
C ALA D 211 5.70 19.58 28.05
N SER D 212 4.58 20.29 28.03
CA SER D 212 3.87 20.68 29.23
C SER D 212 2.37 20.49 29.02
N ALA D 213 1.67 20.13 30.08
CA ALA D 213 0.23 20.02 30.08
C ALA D 213 -0.33 21.10 31.01
N LYS D 214 -1.35 21.82 30.53
CA LYS D 214 -1.86 22.97 31.25
C LYS D 214 -3.28 22.71 31.72
N LEU D 215 -3.52 22.90 33.01
CA LEU D 215 -4.88 22.93 33.53
C LEU D 215 -5.44 24.34 33.37
N TRP D 216 -6.55 24.47 32.64
CA TRP D 216 -7.14 25.77 32.33
C TRP D 216 -8.49 25.90 33.02
N ASP D 217 -8.70 27.08 33.60
CA ASP D 217 -9.97 27.46 34.21
C ASP D 217 -10.78 28.23 33.17
N VAL D 218 -11.98 27.74 32.88
CA VAL D 218 -12.82 28.32 31.83
C VAL D 218 -13.26 29.73 32.19
N ARG D 219 -13.75 29.91 33.41
CA ARG D 219 -14.27 31.22 33.83
C ARG D 219 -13.15 32.22 34.07
N GLU D 220 -12.09 31.81 34.77
CA GLU D 220 -11.02 32.75 35.13
C GLU D 220 -10.20 33.17 33.92
N GLY D 221 -9.91 32.23 33.02
CA GLY D 221 -9.14 32.55 31.83
C GLY D 221 -7.64 32.42 31.94
N MET D 222 -7.13 31.84 33.02
CA MET D 222 -5.69 31.64 33.19
C MET D 222 -5.44 30.18 33.57
N CYS D 223 -4.20 29.74 33.40
CA CYS D 223 -3.82 28.37 33.72
C CYS D 223 -3.49 28.25 35.20
N ARG D 224 -4.27 27.40 35.90
CA ARG D 224 -4.01 27.18 37.33
C ARG D 224 -2.73 26.39 37.54
N GLN D 225 -2.51 25.34 36.74
CA GLN D 225 -1.40 24.43 36.98
C GLN D 225 -0.69 24.07 35.67
N THR D 226 0.61 23.85 35.79
CA THR D 226 1.49 23.47 34.68
C THR D 226 2.23 22.20 35.07
N PHE D 227 2.19 21.20 34.20
CA PHE D 227 2.86 19.92 34.44
C PHE D 227 3.93 19.73 33.38
N THR D 228 5.17 19.53 33.81
CA THR D 228 6.32 19.37 32.91
C THR D 228 7.05 18.09 33.32
N GLY D 229 6.52 16.95 32.88
CA GLY D 229 7.17 15.68 33.12
C GLY D 229 7.56 14.93 31.86
N HIS D 230 7.32 15.53 30.70
CA HIS D 230 7.46 14.84 29.42
C HIS D 230 8.70 15.27 28.67
N GLU D 231 9.39 14.28 28.11
CA GLU D 231 10.57 14.55 27.30
C GLU D 231 10.22 15.16 25.95
N SER D 232 9.21 14.62 25.27
CA SER D 232 8.88 15.00 23.91
C SER D 232 7.46 15.59 23.83
N ASP D 233 7.01 15.81 22.60
CA ASP D 233 5.69 16.39 22.31
C ASP D 233 4.56 15.55 22.86
N ILE D 234 3.61 16.21 23.52
CA ILE D 234 2.43 15.54 24.09
C ILE D 234 1.35 15.52 23.01
N ASN D 235 1.11 14.34 22.42
CA ASN D 235 0.15 14.26 21.32
C ASN D 235 -1.30 14.35 21.80
N ALA D 236 -1.64 13.67 22.89
CA ALA D 236 -3.03 13.60 23.30
C ALA D 236 -3.15 13.62 24.82
N ILE D 237 -4.30 14.09 25.29
CA ILE D 237 -4.57 14.23 26.72
C ILE D 237 -6.00 13.78 26.99
N CYS D 238 -6.21 13.15 28.14
CA CYS D 238 -7.54 12.69 28.55
C CYS D 238 -7.69 12.80 30.05
N PHE D 239 -8.94 12.78 30.51
CA PHE D 239 -9.27 12.91 31.93
C PHE D 239 -9.60 11.58 32.58
N PHE D 240 -9.18 11.45 33.85
CA PHE D 240 -9.67 10.40 34.71
C PHE D 240 -11.15 10.68 35.00
N PRO D 241 -11.97 9.65 35.19
CA PRO D 241 -13.43 9.87 35.33
C PRO D 241 -13.88 10.75 36.49
N ASN D 242 -13.19 10.74 37.63
CA ASN D 242 -13.56 11.67 38.70
C ASN D 242 -13.27 13.12 38.34
N GLY D 243 -12.25 13.36 37.51
CA GLY D 243 -11.86 14.70 37.12
C GLY D 243 -10.72 15.30 37.92
N ASN D 244 -10.15 14.57 38.87
CA ASN D 244 -9.05 15.08 39.66
C ASN D 244 -7.67 14.73 39.11
N ALA D 245 -7.60 13.91 38.07
CA ALA D 245 -6.33 13.47 37.50
C ALA D 245 -6.46 13.37 35.99
N PHE D 246 -5.32 13.33 35.30
CA PHE D 246 -5.36 13.21 33.85
C PHE D 246 -4.13 12.45 33.36
N ALA D 247 -4.29 11.79 32.20
CA ALA D 247 -3.21 11.04 31.58
C ALA D 247 -2.85 11.64 30.24
N THR D 248 -1.56 11.65 29.93
CA THR D 248 -1.01 12.23 28.73
C THR D 248 -0.19 11.20 27.96
N GLY D 249 -0.46 11.10 26.65
CA GLY D 249 0.37 10.30 25.76
C GLY D 249 1.28 11.20 24.94
N SER D 250 2.55 10.83 24.90
CA SER D 250 3.56 11.68 24.28
C SER D 250 4.45 10.87 23.33
N ASP D 251 5.19 11.60 22.49
CA ASP D 251 6.07 10.99 21.49
C ASP D 251 7.29 10.29 22.08
N ASP D 252 7.56 10.43 23.37
CA ASP D 252 8.71 9.79 23.99
C ASP D 252 8.41 8.36 24.46
N ALA D 253 7.31 7.77 23.98
CA ALA D 253 6.88 6.39 24.26
C ALA D 253 6.61 6.16 25.74
N THR D 254 6.16 7.19 26.45
CA THR D 254 5.76 7.09 27.85
C THR D 254 4.40 7.74 28.03
N CYS D 255 3.54 7.07 28.80
CA CYS D 255 2.26 7.62 29.18
C CYS D 255 2.36 8.09 30.61
N ARG D 256 1.92 9.31 30.91
CA ARG D 256 2.10 9.81 32.26
C ARG D 256 0.77 10.21 32.87
N LEU D 257 0.58 9.78 34.11
CA LEU D 257 -0.59 10.10 34.92
C LEU D 257 -0.19 11.17 35.93
N PHE D 258 -0.87 12.31 35.85
CA PHE D 258 -0.63 13.51 36.65
C PHE D 258 -1.84 13.75 37.54
N ASP D 259 -1.60 14.12 38.79
CA ASP D 259 -2.65 14.45 39.75
C ASP D 259 -2.65 15.95 39.95
N LEU D 260 -3.84 16.55 39.86
CA LEU D 260 -3.98 18.00 39.99
C LEU D 260 -3.63 18.47 41.39
N ARG D 261 -4.15 17.78 42.41
CA ARG D 261 -3.89 18.17 43.80
C ARG D 261 -2.45 17.88 44.21
N ALA D 262 -1.88 16.76 43.77
CA ALA D 262 -0.48 16.47 44.05
C ALA D 262 0.47 17.42 43.33
N ASP D 263 0.06 17.89 42.14
CA ASP D 263 0.80 18.85 41.30
C ASP D 263 2.17 18.29 40.88
N GLN D 264 2.20 16.99 40.61
CA GLN D 264 3.40 16.32 40.10
C GLN D 264 2.99 15.05 39.39
N GLU D 265 3.96 14.41 38.75
CA GLU D 265 3.72 13.19 37.98
C GLU D 265 3.56 12.00 38.92
N LEU D 266 2.36 11.42 38.93
CA LEU D 266 2.16 10.21 39.74
C LEU D 266 2.85 9.01 39.11
N MET D 267 2.61 8.76 37.83
CA MET D 267 3.10 7.49 37.30
C MET D 267 3.50 7.62 35.83
N THR D 268 4.50 6.83 35.44
CA THR D 268 4.98 6.75 34.06
C THR D 268 4.87 5.31 33.59
N TYR D 269 4.21 5.12 32.45
CA TYR D 269 4.00 3.83 31.81
C TYR D 269 4.92 3.76 30.60
N SER D 270 5.85 2.81 30.61
CA SER D 270 6.83 2.70 29.54
C SER D 270 7.29 1.26 29.40
N HIS D 271 7.75 0.92 28.20
CA HIS D 271 8.30 -0.40 27.91
C HIS D 271 9.53 -0.22 27.05
N ASP D 272 10.53 -1.08 27.26
CA ASP D 272 11.82 -0.95 26.57
C ASP D 272 11.70 -1.21 25.08
N ASN D 273 10.94 -2.25 24.70
CA ASN D 273 10.79 -2.58 23.28
C ASN D 273 9.99 -1.52 22.53
N ILE D 274 9.01 -0.91 23.19
CA ILE D 274 8.12 0.06 22.56
C ILE D 274 8.78 1.43 22.57
N ILE D 275 9.52 1.76 21.51
CA ILE D 275 10.09 3.09 21.36
C ILE D 275 9.24 4.03 20.52
N CYS D 276 8.20 3.52 19.86
CA CYS D 276 7.37 4.33 18.98
C CYS D 276 6.44 5.26 19.76
N GLY D 277 6.04 6.34 19.10
CA GLY D 277 5.24 7.38 19.70
C GLY D 277 3.84 6.94 20.10
N ILE D 278 3.18 7.82 20.86
CA ILE D 278 1.82 7.61 21.35
C ILE D 278 0.93 8.66 20.71
N THR D 279 -0.24 8.23 20.22
CA THR D 279 -1.12 9.12 19.48
C THR D 279 -2.41 9.49 20.21
N SER D 280 -2.92 8.61 21.07
CA SER D 280 -4.19 8.86 21.75
C SER D 280 -4.28 8.02 23.00
N VAL D 281 -4.80 8.61 24.08
CA VAL D 281 -5.08 7.90 25.32
C VAL D 281 -6.53 8.19 25.72
N SER D 282 -7.10 7.26 26.48
CA SER D 282 -8.46 7.40 27.01
C SER D 282 -8.66 6.37 28.12
N PHE D 283 -9.21 6.82 29.25
CA PHE D 283 -9.56 5.93 30.35
C PHE D 283 -10.85 5.17 30.07
N SER D 284 -11.07 4.14 30.89
CA SER D 284 -12.34 3.43 30.93
C SER D 284 -13.30 4.16 31.86
N LYS D 285 -14.47 3.56 32.13
CA LYS D 285 -15.44 4.18 33.02
C LYS D 285 -14.96 4.16 34.47
N SER D 286 -14.43 3.02 34.92
CA SER D 286 -13.91 2.94 36.28
C SER D 286 -12.60 3.69 36.42
N GLY D 287 -11.75 3.64 35.40
CA GLY D 287 -10.43 4.22 35.47
C GLY D 287 -9.32 3.23 35.74
N ARG D 288 -9.65 1.96 35.98
CA ARG D 288 -8.64 0.95 36.28
C ARG D 288 -7.81 0.61 35.06
N LEU D 289 -8.39 0.70 33.86
CA LEU D 289 -7.70 0.41 32.63
C LEU D 289 -7.46 1.70 31.85
N LEU D 290 -6.23 1.88 31.37
CA LEU D 290 -5.86 3.00 30.53
C LEU D 290 -5.57 2.47 29.13
N LEU D 291 -6.25 3.02 28.14
CA LEU D 291 -6.19 2.52 26.78
C LEU D 291 -5.40 3.52 25.93
N ALA D 292 -4.29 3.08 25.36
CA ALA D 292 -3.42 3.99 24.63
C ALA D 292 -3.13 3.46 23.23
N GLY D 293 -3.30 4.32 22.23
CA GLY D 293 -2.99 3.95 20.86
C GLY D 293 -1.59 4.36 20.46
N TYR D 294 -0.70 3.40 20.31
CA TYR D 294 0.70 3.68 20.04
C TYR D 294 0.96 3.76 18.53
N ASP D 295 2.13 4.32 18.18
CA ASP D 295 2.52 4.46 16.77
C ASP D 295 2.76 3.10 16.13
N ASP D 296 3.31 2.14 16.89
CA ASP D 296 3.70 0.86 16.29
C ASP D 296 2.54 -0.12 16.09
N PHE D 297 1.51 0.36 15.39
CA PHE D 297 0.45 -0.42 14.76
C PHE D 297 -0.35 -1.29 15.75
N ASN D 298 -0.47 -0.85 17.00
CA ASN D 298 -1.26 -1.56 17.99
C ASN D 298 -1.67 -0.62 19.11
N CYS D 299 -2.68 -1.06 19.88
CA CYS D 299 -3.14 -0.36 21.06
C CYS D 299 -2.81 -1.18 22.29
N ASN D 300 -2.37 -0.53 23.36
CA ASN D 300 -2.05 -1.23 24.58
C ASN D 300 -3.02 -0.87 25.72
N VAL D 301 -3.44 -1.92 26.43
CA VAL D 301 -4.29 -1.82 27.60
C VAL D 301 -3.38 -1.92 28.80
N TRP D 302 -3.37 -0.88 29.63
CA TRP D 302 -2.47 -0.74 30.77
C TRP D 302 -3.27 -0.78 32.05
N ASP D 303 -2.80 -1.56 33.01
CA ASP D 303 -3.36 -1.49 34.37
C ASP D 303 -2.89 -0.18 35.00
N ALA D 304 -3.84 0.66 35.40
CA ALA D 304 -3.49 1.99 35.93
C ALA D 304 -2.76 1.89 37.26
N LEU D 305 -3.25 1.04 38.17
CA LEU D 305 -2.64 0.94 39.49
C LEU D 305 -1.31 0.19 39.44
N LYS D 306 -1.25 -0.91 38.70
CA LYS D 306 -0.08 -1.80 38.72
C LYS D 306 1.00 -1.43 37.70
N ALA D 307 0.71 -0.53 36.76
CA ALA D 307 1.62 -0.09 35.69
C ALA D 307 2.14 -1.26 34.86
N ASP D 308 1.23 -2.14 34.46
CA ASP D 308 1.56 -3.31 33.67
C ASP D 308 0.62 -3.38 32.46
N ARG D 309 1.08 -4.06 31.41
CA ARG D 309 0.31 -4.16 30.17
C ARG D 309 -0.75 -5.23 30.35
N ALA D 310 -2.01 -4.81 30.50
CA ALA D 310 -3.11 -5.77 30.60
C ALA D 310 -3.36 -6.48 29.27
N GLY D 311 -3.28 -5.75 28.16
CA GLY D 311 -3.60 -6.37 26.88
C GLY D 311 -3.00 -5.65 25.69
N VAL D 312 -3.05 -6.33 24.56
CA VAL D 312 -2.62 -5.77 23.27
C VAL D 312 -3.73 -5.95 22.24
N LEU D 313 -4.10 -4.86 21.58
CA LEU D 313 -5.09 -4.84 20.51
C LEU D 313 -4.34 -4.53 19.21
N ALA D 314 -3.90 -5.59 18.53
CA ALA D 314 -3.21 -5.46 17.25
C ALA D 314 -4.18 -5.71 16.11
N GLY D 315 -5.11 -4.77 15.93
CA GLY D 315 -6.12 -4.92 14.90
C GLY D 315 -6.01 -3.94 13.75
N HIS D 316 -5.00 -3.07 13.79
CA HIS D 316 -4.81 -2.06 12.77
C HIS D 316 -3.46 -2.26 12.11
N ASP D 317 -3.45 -2.32 10.77
CA ASP D 317 -2.21 -2.49 10.04
C ASP D 317 -1.37 -1.21 10.07
N ASN D 318 -2.02 -0.05 10.06
CA ASN D 318 -1.34 1.24 10.08
C ASN D 318 -1.48 1.85 11.47
N ARG D 319 -0.79 2.97 11.70
CA ARG D 319 -0.74 3.57 13.04
C ARG D 319 -2.12 4.05 13.49
N VAL D 320 -2.43 3.82 14.77
CA VAL D 320 -3.74 4.12 15.34
C VAL D 320 -3.72 5.59 15.73
N SER D 321 -4.37 6.43 14.91
CA SER D 321 -4.38 7.87 15.16
C SER D 321 -5.20 8.24 16.39
N CYS D 322 -6.37 7.62 16.56
CA CYS D 322 -7.31 8.06 17.59
C CYS D 322 -7.93 6.89 18.32
N LEU D 323 -8.20 7.09 19.61
CA LEU D 323 -8.86 6.10 20.44
C LEU D 323 -9.97 6.78 21.24
N GLY D 324 -11.14 6.15 21.29
CA GLY D 324 -12.27 6.67 22.03
C GLY D 324 -12.98 5.60 22.85
N VAL D 325 -13.42 5.96 24.05
CA VAL D 325 -14.11 5.06 24.97
C VAL D 325 -15.49 5.63 25.26
N THR D 326 -16.51 4.78 25.21
CA THR D 326 -17.88 5.19 25.49
C THR D 326 -18.03 5.57 26.96
N ASP D 327 -19.07 6.36 27.25
CA ASP D 327 -19.32 6.81 28.62
C ASP D 327 -19.73 5.65 29.53
N ASP D 328 -20.60 4.75 29.05
CA ASP D 328 -20.93 3.57 29.83
C ASP D 328 -19.77 2.58 29.89
N GLY D 329 -18.86 2.63 28.92
CA GLY D 329 -17.70 1.78 28.93
C GLY D 329 -17.85 0.48 28.17
N MET D 330 -18.94 0.31 27.42
CA MET D 330 -19.23 -0.96 26.76
C MET D 330 -18.23 -1.27 25.65
N ALA D 331 -17.85 -0.28 24.85
CA ALA D 331 -17.00 -0.55 23.70
C ALA D 331 -15.90 0.49 23.60
N VAL D 332 -14.84 0.11 22.87
CA VAL D 332 -13.72 1.00 22.56
C VAL D 332 -13.60 1.08 21.05
N ALA D 333 -13.53 2.29 20.51
CA ALA D 333 -13.38 2.45 19.06
C ALA D 333 -12.03 3.07 18.75
N THR D 334 -11.29 2.45 17.85
CA THR D 334 -9.97 2.91 17.46
C THR D 334 -9.97 3.20 15.97
N GLY D 335 -9.46 4.38 15.62
CA GLY D 335 -9.33 4.77 14.23
C GLY D 335 -7.88 4.94 13.85
N SER D 336 -7.52 4.35 12.71
CA SER D 336 -6.14 4.31 12.26
C SER D 336 -6.06 4.85 10.84
N TRP D 337 -4.84 4.93 10.33
CA TRP D 337 -4.59 5.51 9.02
C TRP D 337 -4.75 4.52 7.87
N ASP D 338 -5.22 3.31 8.14
CA ASP D 338 -5.54 2.36 7.07
C ASP D 338 -7.00 2.46 6.61
N SER D 339 -7.70 3.54 7.01
CA SER D 339 -9.10 3.86 6.68
C SER D 339 -10.11 2.91 7.33
N PHE D 340 -9.77 2.30 8.46
CA PHE D 340 -10.68 1.40 9.14
C PHE D 340 -10.92 1.85 10.58
N LEU D 341 -12.15 1.63 11.05
CA LEU D 341 -12.52 1.83 12.43
C LEU D 341 -12.77 0.46 13.06
N LYS D 342 -12.13 0.19 14.19
CA LYS D 342 -12.28 -1.09 14.88
C LYS D 342 -12.95 -0.88 16.22
N ILE D 343 -13.98 -1.68 16.49
CA ILE D 343 -14.69 -1.64 17.78
C ILE D 343 -14.33 -2.89 18.56
N TRP D 344 -13.80 -2.68 19.76
CA TRP D 344 -13.27 -3.72 20.63
C TRP D 344 -14.13 -3.80 21.88
N ASN D 345 -14.64 -4.99 22.16
CA ASN D 345 -15.38 -5.23 23.40
C ASN D 345 -14.77 -6.42 24.12
N THR E 6 9.90 46.85 24.23
CA THR E 6 10.01 46.22 25.55
C THR E 6 9.10 45.00 25.65
N ALA E 7 9.03 44.24 24.56
CA ALA E 7 8.21 43.04 24.54
C ALA E 7 8.81 41.93 25.39
N SER E 8 10.14 41.81 25.38
CA SER E 8 10.82 40.71 26.08
C SER E 8 10.66 40.81 27.59
N ILE E 9 10.83 42.01 28.15
CA ILE E 9 10.66 42.19 29.59
C ILE E 9 9.21 42.04 30.00
N ALA E 10 8.26 42.43 29.14
CA ALA E 10 6.84 42.22 29.43
C ALA E 10 6.48 40.75 29.43
N GLN E 11 7.04 39.98 28.48
CA GLN E 11 6.82 38.54 28.45
C GLN E 11 7.44 37.87 29.66
N ALA E 12 8.63 38.32 30.08
CA ALA E 12 9.28 37.78 31.26
C ALA E 12 8.48 38.09 32.53
N ARG E 13 7.92 39.30 32.63
CA ARG E 13 7.06 39.64 33.76
C ARG E 13 5.79 38.80 33.77
N LYS E 14 5.23 38.53 32.59
CA LYS E 14 4.06 37.66 32.48
C LYS E 14 4.39 36.24 32.94
N LEU E 15 5.57 35.73 32.55
CA LEU E 15 5.98 34.40 32.99
C LEU E 15 6.24 34.34 34.50
N VAL E 16 6.84 35.38 35.06
CA VAL E 16 7.08 35.43 36.51
C VAL E 16 5.76 35.51 37.27
N GLU E 17 4.81 36.31 36.79
CA GLU E 17 3.49 36.40 37.41
C GLU E 17 2.74 35.08 37.31
N GLN E 18 2.87 34.39 36.18
CA GLN E 18 2.24 33.08 36.01
C GLN E 18 2.85 32.05 36.96
N LEU E 19 4.16 32.06 37.11
CA LEU E 19 4.82 31.16 38.06
C LEU E 19 4.42 31.47 39.51
N LYS E 20 4.23 32.74 39.83
CA LYS E 20 3.73 33.11 41.16
C LYS E 20 2.32 32.61 41.39
N MET E 21 1.46 32.71 40.38
CA MET E 21 0.09 32.18 40.50
C MET E 21 0.09 30.66 40.62
N GLU E 22 0.93 29.98 39.85
CA GLU E 22 1.01 28.52 39.91
C GLU E 22 1.57 28.02 41.23
N ALA E 23 2.55 28.75 41.80
CA ALA E 23 3.16 28.33 43.06
C ALA E 23 2.18 28.42 44.23
N ASN E 24 1.36 29.47 44.26
CA ASN E 24 0.44 29.70 45.37
C ASN E 24 -0.87 28.94 45.14
N ILE E 25 -0.77 27.62 45.27
CA ILE E 25 -1.91 26.72 45.16
C ILE E 25 -1.90 25.77 46.35
N ASP E 26 -3.10 25.40 46.83
CA ASP E 26 -3.21 24.38 47.86
C ASP E 26 -2.80 23.03 47.32
N ARG E 27 -2.02 22.28 48.11
CA ARG E 27 -1.52 20.98 47.71
C ARG E 27 -1.93 19.94 48.74
N ILE E 28 -2.44 18.81 48.25
CA ILE E 28 -2.89 17.69 49.07
C ILE E 28 -1.85 16.59 48.94
N LYS E 29 -1.49 15.98 50.08
CA LYS E 29 -0.56 14.84 50.17
C LYS E 29 -0.83 13.77 49.12
N VAL E 30 0.26 13.24 48.57
CA VAL E 30 0.20 12.29 47.46
C VAL E 30 -0.48 10.99 47.88
N SER E 31 -0.22 10.54 49.11
CA SER E 31 -0.78 9.29 49.62
C SER E 31 -2.30 9.37 49.76
N LYS E 32 -2.83 10.48 50.29
CA LYS E 32 -4.27 10.64 50.47
C LYS E 32 -5.01 10.71 49.14
N ALA E 33 -4.48 11.49 48.21
CA ALA E 33 -5.10 11.63 46.89
C ALA E 33 -5.02 10.33 46.10
N ALA E 34 -3.89 9.63 46.19
CA ALA E 34 -3.75 8.33 45.54
C ALA E 34 -4.68 7.29 46.16
N ALA E 35 -4.90 7.37 47.48
CA ALA E 35 -5.88 6.51 48.13
C ALA E 35 -7.29 6.83 47.67
N ASP E 36 -7.59 8.10 47.43
CA ASP E 36 -8.88 8.50 46.86
C ASP E 36 -9.05 7.94 45.45
N LEU E 37 -7.97 7.94 44.65
CA LEU E 37 -8.01 7.34 43.32
C LEU E 37 -8.22 5.83 43.38
N MET E 38 -7.55 5.15 44.33
CA MET E 38 -7.76 3.72 44.52
C MET E 38 -9.18 3.41 44.96
N ALA E 39 -9.74 4.24 45.83
CA ALA E 39 -11.12 4.06 46.27
C ALA E 39 -12.10 4.26 45.12
N TYR E 40 -11.82 5.24 44.25
CA TYR E 40 -12.67 5.46 43.08
C TYR E 40 -12.59 4.28 42.11
N CYS E 41 -11.39 3.73 41.91
CA CYS E 41 -11.25 2.57 41.04
C CYS E 41 -11.92 1.34 41.63
N GLU E 42 -11.78 1.12 42.93
CA GLU E 42 -12.38 -0.04 43.59
C GLU E 42 -13.90 0.04 43.63
N ALA E 43 -14.45 1.25 43.85
CA ALA E 43 -15.90 1.41 43.96
C ALA E 43 -16.60 1.14 42.64
N HIS E 44 -16.00 1.55 41.52
CA HIS E 44 -16.61 1.41 40.21
C HIS E 44 -16.07 0.21 39.44
N ALA E 45 -15.36 -0.70 40.13
CA ALA E 45 -14.77 -1.86 39.46
C ALA E 45 -15.82 -2.82 38.91
N LYS E 46 -16.91 -3.03 39.67
CA LYS E 46 -17.93 -3.99 39.26
C LYS E 46 -18.71 -3.52 38.05
N GLU E 47 -19.08 -2.23 38.01
CA GLU E 47 -19.94 -1.73 36.93
C GLU E 47 -19.21 -1.66 35.59
N ASP E 48 -17.88 -1.56 35.61
CA ASP E 48 -17.09 -1.33 34.39
C ASP E 48 -17.17 -2.51 33.42
N PRO E 49 -17.59 -2.30 32.17
CA PRO E 49 -17.63 -3.41 31.20
C PRO E 49 -16.26 -3.89 30.77
N LEU E 50 -15.30 -2.97 30.63
CA LEU E 50 -13.96 -3.35 30.18
C LEU E 50 -13.22 -4.17 31.24
N LEU E 51 -13.32 -3.76 32.51
CA LEU E 51 -12.65 -4.49 33.59
C LEU E 51 -13.32 -5.85 33.84
N THR E 52 -14.64 -5.88 33.86
CA THR E 52 -15.40 -7.11 34.08
C THR E 52 -16.33 -7.33 32.90
N PRO E 53 -16.15 -8.41 32.13
CA PRO E 53 -16.94 -8.61 30.90
C PRO E 53 -18.43 -8.81 31.15
N VAL E 54 -19.23 -8.13 30.36
CA VAL E 54 -20.69 -8.19 30.41
C VAL E 54 -21.10 -9.53 29.81
N PRO E 55 -22.19 -10.15 30.27
CA PRO E 55 -22.69 -11.37 29.59
C PRO E 55 -23.14 -11.08 28.16
N ALA E 56 -23.02 -12.12 27.33
CA ALA E 56 -23.27 -12.01 25.88
C ALA E 56 -24.71 -11.59 25.57
N SER E 57 -25.68 -12.09 26.32
CA SER E 57 -27.07 -11.70 26.11
C SER E 57 -27.31 -10.23 26.44
N GLU E 58 -26.73 -9.76 27.56
CA GLU E 58 -26.83 -8.35 27.91
C GLU E 58 -26.05 -7.46 26.95
N ASN E 59 -24.94 -7.97 26.40
CA ASN E 59 -24.06 -7.22 25.52
C ASN E 59 -24.78 -6.84 24.22
N PRO E 60 -24.88 -5.55 23.88
CA PRO E 60 -25.51 -5.18 22.60
C PRO E 60 -24.65 -5.53 21.39
N PHE E 61 -23.32 -5.39 21.51
CA PHE E 61 -22.45 -5.59 20.37
C PHE E 61 -22.32 -7.08 20.01
N ARG E 62 -22.30 -7.95 21.02
CA ARG E 62 -22.24 -9.39 20.80
C ARG E 62 -23.46 -9.92 20.04
N GLN F 3 10.96 18.12 33.58
CA GLN F 3 11.03 19.35 32.80
C GLN F 3 12.28 19.39 31.93
N VAL F 4 12.07 19.45 30.62
CA VAL F 4 13.17 19.54 29.67
C VAL F 4 13.81 20.92 29.79
N GLN F 5 15.09 20.95 30.16
CA GLN F 5 15.83 22.20 30.22
C GLN F 5 17.23 22.00 29.65
N LEU F 6 17.67 23.01 28.90
CA LEU F 6 18.99 23.02 28.28
C LEU F 6 19.71 24.29 28.73
N GLN F 7 20.95 24.14 29.17
CA GLN F 7 21.72 25.25 29.75
C GLN F 7 23.03 25.39 29.00
N GLU F 8 23.13 26.44 28.17
CA GLU F 8 24.39 26.76 27.51
C GLU F 8 25.38 27.33 28.52
N SER F 9 26.66 27.08 28.27
CA SER F 9 27.74 27.56 29.11
C SER F 9 28.95 27.88 28.24
N GLY F 10 29.65 28.95 28.60
CA GLY F 10 30.75 29.46 27.81
C GLY F 10 30.32 30.52 26.82
N GLY F 11 31.32 31.19 26.24
CA GLY F 11 31.05 32.27 25.32
C GLY F 11 31.88 33.51 25.60
N GLY F 12 31.28 34.69 25.43
CA GLY F 12 31.94 35.93 25.79
C GLY F 12 32.54 36.65 24.60
N LEU F 13 33.23 37.74 24.94
CA LEU F 13 34.01 38.50 23.97
C LEU F 13 35.36 37.82 23.76
N VAL F 14 35.64 37.44 22.51
CA VAL F 14 36.88 36.78 22.15
C VAL F 14 37.48 37.48 20.94
N GLN F 15 38.76 37.20 20.69
CA GLN F 15 39.54 37.70 19.57
C GLN F 15 39.45 36.73 18.39
N PRO F 16 39.55 37.22 17.16
CA PRO F 16 39.52 36.30 16.00
C PRO F 16 40.79 35.48 15.91
N GLY F 17 40.66 34.32 15.26
CA GLY F 17 41.72 33.35 15.19
C GLY F 17 41.96 32.54 16.46
N GLY F 18 41.22 32.82 17.53
CA GLY F 18 41.40 32.12 18.79
C GLY F 18 40.64 30.81 18.85
N SER F 19 40.43 30.35 20.09
CA SER F 19 39.74 29.10 20.33
C SER F 19 38.80 29.27 21.53
N LEU F 20 37.71 28.51 21.50
CA LEU F 20 36.66 28.65 22.50
C LEU F 20 35.92 27.32 22.63
N ARG F 21 35.49 27.02 23.84
CA ARG F 21 34.75 25.79 24.12
C ARG F 21 33.38 26.16 24.70
N LEU F 22 32.36 25.44 24.25
CA LEU F 22 30.99 25.64 24.69
C LEU F 22 30.46 24.33 25.26
N SER F 23 29.54 24.45 26.21
CA SER F 23 28.95 23.28 26.85
C SER F 23 27.44 23.45 26.91
N CYS F 24 26.74 22.32 26.95
CA CYS F 24 25.28 22.29 26.97
C CYS F 24 24.90 21.24 28.00
N ALA F 25 24.48 21.71 29.18
CA ALA F 25 23.96 20.86 30.24
C ALA F 25 22.50 20.52 29.92
N ALA F 26 22.24 19.24 29.67
CA ALA F 26 20.93 18.76 29.27
C ALA F 26 20.28 18.04 30.45
N SER F 27 19.26 18.66 31.05
CA SER F 27 18.60 18.08 32.21
C SER F 27 17.13 17.84 31.92
N GLY F 28 16.62 16.69 32.37
CA GLY F 28 15.20 16.40 32.32
C GLY F 28 14.74 15.48 31.21
N PHE F 29 15.64 14.75 30.56
CA PHE F 29 15.25 13.79 29.53
C PHE F 29 16.34 12.74 29.40
N THR F 30 15.99 11.64 28.71
CA THR F 30 16.91 10.55 28.44
C THR F 30 17.82 10.99 27.30
N PHE F 31 19.00 11.52 27.69
CA PHE F 31 19.91 12.21 26.78
C PHE F 31 20.43 11.33 25.65
N SER F 32 20.61 10.03 25.89
CA SER F 32 21.23 9.14 24.93
C SER F 32 20.40 8.91 23.67
N ASN F 33 19.09 9.13 23.73
CA ASN F 33 18.19 8.75 22.63
C ASN F 33 17.82 9.91 21.71
N TYR F 34 18.39 11.09 21.90
CA TYR F 34 18.01 12.27 21.13
C TYR F 34 19.15 12.80 20.28
N LYS F 35 18.88 12.98 19.00
CA LYS F 35 19.74 13.78 18.12
C LYS F 35 19.66 15.25 18.53
N MET F 36 20.81 15.93 18.59
CA MET F 36 20.82 17.32 19.00
C MET F 36 21.66 18.15 18.03
N ASN F 37 21.53 19.48 18.15
CA ASN F 37 22.12 20.38 17.17
C ASN F 37 22.28 21.78 17.75
N TRP F 38 22.98 22.63 16.99
CA TRP F 38 23.25 24.01 17.35
C TRP F 38 22.61 24.97 16.36
N VAL F 39 22.03 26.05 16.86
CA VAL F 39 21.45 27.12 16.07
C VAL F 39 22.13 28.42 16.47
N ARG F 40 22.29 29.34 15.52
CA ARG F 40 22.86 30.65 15.85
C ARG F 40 21.96 31.76 15.32
N GLN F 41 22.01 32.90 16.02
CA GLN F 41 21.26 34.10 15.65
C GLN F 41 22.24 35.26 15.57
N ALA F 42 22.56 35.69 14.35
CA ALA F 42 23.36 36.88 14.16
C ALA F 42 22.57 38.11 14.58
N PRO F 43 23.23 39.14 15.12
CA PRO F 43 22.53 40.38 15.50
C PRO F 43 21.87 41.06 14.31
N GLY F 44 20.54 41.13 14.36
CA GLY F 44 19.77 41.68 13.25
C GLY F 44 19.48 40.70 12.14
N LYS F 45 19.67 39.41 12.36
CA LYS F 45 19.42 38.38 11.36
C LYS F 45 18.62 37.25 11.98
N GLY F 46 18.14 36.36 11.11
CA GLY F 46 17.35 35.22 11.54
C GLY F 46 18.20 34.04 11.97
N LEU F 47 17.49 33.02 12.48
CA LEU F 47 18.14 31.79 12.93
C LEU F 47 18.64 30.97 11.76
N GLU F 48 19.89 30.49 11.85
CA GLU F 48 20.46 29.59 10.87
C GLU F 48 21.14 28.41 11.57
N TRP F 49 21.04 27.24 10.95
CA TRP F 49 21.58 26.00 11.51
C TRP F 49 23.10 25.99 11.49
N VAL F 50 23.70 25.47 12.56
CA VAL F 50 25.16 25.43 12.70
C VAL F 50 25.72 24.04 12.43
N SER F 51 25.36 23.07 13.25
CA SER F 51 25.91 21.72 13.19
C SER F 51 24.99 20.79 13.95
N ASP F 52 25.19 19.48 13.78
CA ASP F 52 24.39 18.52 14.53
C ASP F 52 25.21 17.31 14.93
N ILE F 53 24.59 16.44 15.74
CA ILE F 53 25.15 15.16 16.12
C ILE F 53 23.99 14.22 16.44
N SER F 54 24.11 12.99 15.94
CA SER F 54 23.07 11.97 16.06
C SER F 54 23.04 11.37 17.46
N GLN F 55 22.23 10.33 17.63
CA GLN F 55 22.09 9.65 18.92
C GLN F 55 23.39 8.96 19.33
N SER F 56 23.89 8.07 18.48
CA SER F 56 25.14 7.37 18.79
C SER F 56 26.36 8.29 18.64
N GLY F 57 26.28 9.26 17.74
CA GLY F 57 27.40 10.14 17.46
C GLY F 57 28.16 9.81 16.20
N ALA F 58 27.69 8.83 15.42
CA ALA F 58 28.38 8.47 14.18
C ALA F 58 28.12 9.51 13.09
N SER F 59 26.86 9.88 12.88
CA SER F 59 26.49 10.81 11.83
C SER F 59 26.67 12.24 12.33
N ILE F 60 27.57 12.98 11.70
CA ILE F 60 27.89 14.35 12.07
C ILE F 60 27.84 15.19 10.80
N SER F 61 27.19 16.36 10.87
CA SER F 61 27.16 17.28 9.75
C SER F 61 27.25 18.71 10.23
N TYR F 62 27.77 19.57 9.36
CA TYR F 62 28.06 20.96 9.64
C TYR F 62 27.45 21.85 8.57
N THR F 63 27.21 23.11 8.92
CA THR F 63 26.96 24.12 7.91
C THR F 63 28.24 24.35 7.13
N GLY F 64 28.11 24.53 5.81
CA GLY F 64 29.27 24.69 4.94
C GLY F 64 30.18 25.84 5.31
N SER F 65 29.61 26.97 5.76
CA SER F 65 30.40 28.14 6.10
C SER F 65 31.27 27.91 7.34
N VAL F 66 30.95 26.91 8.16
CA VAL F 66 31.74 26.54 9.33
C VAL F 66 32.16 25.08 9.25
N LYS F 67 32.08 24.47 8.07
CA LYS F 67 32.45 23.06 7.90
C LYS F 67 33.96 22.91 7.95
N GLY F 68 34.44 22.06 8.86
CA GLY F 68 35.86 21.89 9.09
C GLY F 68 36.43 22.83 10.12
N ARG F 69 35.62 23.74 10.66
CA ARG F 69 36.06 24.69 11.67
C ARG F 69 35.50 24.41 13.06
N PHE F 70 34.44 23.62 13.17
CA PHE F 70 33.82 23.32 14.45
C PHE F 70 33.95 21.83 14.76
N THR F 71 33.88 21.49 16.05
CA THR F 71 33.98 20.11 16.49
C THR F 71 32.88 19.86 17.51
N ILE F 72 31.84 19.13 17.12
CA ILE F 72 30.73 18.79 18.00
C ILE F 72 30.94 17.39 18.56
N SER F 73 30.67 17.23 19.86
CA SER F 73 30.83 15.93 20.51
C SER F 73 29.89 15.85 21.70
N ARG F 74 29.15 14.75 21.81
CA ARG F 74 28.21 14.57 22.91
C ARG F 74 28.78 13.56 23.91
N ASP F 75 28.49 13.80 25.20
CA ASP F 75 28.92 12.92 26.29
C ASP F 75 27.65 12.40 26.94
N ASN F 76 27.32 11.14 26.64
CA ASN F 76 26.16 10.48 27.20
C ASN F 76 26.40 10.01 28.63
N ALA F 77 27.66 9.80 29.01
CA ALA F 77 27.98 9.39 30.38
C ALA F 77 27.80 10.55 31.35
N LYS F 78 28.31 11.73 30.98
CA LYS F 78 28.24 12.91 31.83
C LYS F 78 27.13 13.86 31.42
N ASN F 79 26.40 13.55 30.35
CA ASN F 79 25.18 14.26 29.91
C ASN F 79 25.50 15.72 29.57
N THR F 80 26.39 15.92 28.60
CA THR F 80 26.77 17.27 28.22
C THR F 80 27.17 17.29 26.75
N LEU F 81 26.72 18.31 26.01
CA LEU F 81 27.11 18.51 24.62
C LEU F 81 28.23 19.54 24.56
N TYR F 82 29.30 19.24 23.82
CA TYR F 82 30.52 20.03 23.81
C TYR F 82 30.81 20.50 22.39
N LEU F 83 30.97 21.81 22.22
CA LEU F 83 31.29 22.39 20.93
C LEU F 83 32.65 23.09 21.01
N GLN F 84 33.57 22.70 20.14
CA GLN F 84 34.89 23.32 20.06
C GLN F 84 34.93 24.21 18.82
N MET F 85 35.43 25.44 19.00
CA MET F 85 35.45 26.45 17.96
C MET F 85 36.86 27.03 17.86
N ASN F 86 37.60 26.65 16.82
CA ASN F 86 38.92 27.21 16.57
C ASN F 86 38.91 27.98 15.24
N SER F 87 39.91 28.86 15.10
CA SER F 87 40.10 29.75 13.95
C SER F 87 38.87 30.63 13.74
N LEU F 88 38.58 31.45 14.73
CA LEU F 88 37.36 32.23 14.76
C LEU F 88 37.40 33.40 13.78
N LYS F 89 36.22 33.83 13.36
CA LYS F 89 35.99 34.85 12.35
C LYS F 89 35.13 35.97 12.93
N PRO F 90 35.39 37.23 12.57
CA PRO F 90 34.52 38.33 13.01
C PRO F 90 33.06 38.22 12.55
N GLU F 91 32.76 37.46 11.51
CA GLU F 91 31.38 37.26 11.07
C GLU F 91 30.65 36.18 11.86
N ASP F 92 31.30 35.56 12.83
CA ASP F 92 30.70 34.47 13.60
C ASP F 92 30.17 34.93 14.96
N THR F 93 30.06 36.24 15.19
CA THR F 93 29.43 36.72 16.42
C THR F 93 27.92 36.53 16.35
N ALA F 94 27.36 35.91 17.39
CA ALA F 94 25.96 35.51 17.39
C ALA F 94 25.53 35.11 18.80
N VAL F 95 24.22 34.91 18.95
CA VAL F 95 23.65 34.24 20.11
C VAL F 95 23.49 32.76 19.74
N TYR F 96 24.02 31.89 20.60
CA TYR F 96 24.06 30.46 20.32
C TYR F 96 23.01 29.73 21.14
N TYR F 97 22.31 28.80 20.46
CA TYR F 97 21.21 28.04 21.00
C TYR F 97 21.55 26.55 20.89
N CYS F 98 21.64 25.87 22.02
CA CYS F 98 21.77 24.42 22.03
C CYS F 98 20.36 23.83 21.94
N ALA F 99 20.02 23.24 20.80
CA ALA F 99 18.67 22.76 20.56
C ALA F 99 18.64 21.24 20.48
N ARG F 100 17.48 20.69 20.84
CA ARG F 100 17.20 19.26 20.80
C ARG F 100 16.14 18.98 19.75
N CYS F 101 16.33 17.92 18.98
CA CYS F 101 15.32 17.48 18.04
C CYS F 101 14.13 16.89 18.82
N PRO F 102 12.90 17.07 18.31
CA PRO F 102 11.72 16.79 19.16
C PRO F 102 11.47 15.34 19.55
N ALA F 103 11.76 14.38 18.68
CA ALA F 103 11.30 13.04 18.97
C ALA F 103 12.47 12.07 19.14
N PRO F 104 12.32 11.06 19.99
CA PRO F 104 13.39 10.06 20.12
C PRO F 104 13.41 9.10 18.94
N PHE F 105 14.62 8.60 18.66
CA PHE F 105 14.89 7.59 17.62
C PHE F 105 14.44 8.02 16.23
N THR F 106 14.55 9.31 15.92
CA THR F 106 14.16 9.80 14.61
C THR F 106 15.30 10.59 13.98
N ARG F 107 15.49 10.39 12.67
CA ARG F 107 16.53 11.10 11.93
C ARG F 107 16.20 12.57 11.70
N ASP F 108 14.92 12.94 11.70
CA ASP F 108 14.47 14.21 11.14
C ASP F 108 14.23 15.26 12.22
N CYS F 109 14.86 16.43 12.04
CA CYS F 109 14.72 17.57 12.92
C CYS F 109 13.99 18.69 12.18
N PHE F 110 12.65 18.65 12.21
CA PHE F 110 11.81 19.51 11.35
C PHE F 110 12.00 21.00 11.64
N ASP F 111 11.67 21.40 12.87
CA ASP F 111 11.46 22.81 13.19
C ASP F 111 12.45 23.32 14.24
N VAL F 112 13.66 22.76 14.26
CA VAL F 112 14.71 23.22 15.16
C VAL F 112 15.07 24.67 14.87
N THR F 113 14.96 25.10 13.62
CA THR F 113 15.31 26.46 13.24
C THR F 113 13.98 27.19 13.00
N SER F 114 13.38 27.61 14.10
CA SER F 114 12.20 28.47 14.13
C SER F 114 12.31 29.34 15.37
N THR F 115 11.68 30.52 15.32
CA THR F 115 11.88 31.54 16.34
C THR F 115 11.31 31.12 17.70
N THR F 116 10.11 30.54 17.71
CA THR F 116 9.39 30.28 18.95
C THR F 116 9.52 28.81 19.38
N TYR F 117 10.50 28.09 18.84
CA TYR F 117 10.72 26.68 19.18
C TYR F 117 11.09 26.52 20.66
N ALA F 118 10.42 25.60 21.33
CA ALA F 118 10.47 25.49 22.78
C ALA F 118 11.48 24.47 23.31
N TYR F 119 12.20 23.76 22.45
CA TYR F 119 13.13 22.73 22.89
C TYR F 119 14.58 23.16 22.74
N ARG F 120 14.85 24.46 22.91
CA ARG F 120 16.21 24.98 22.91
C ARG F 120 16.48 25.74 24.20
N GLY F 121 17.75 25.84 24.56
CA GLY F 121 18.17 26.59 25.72
C GLY F 121 18.05 28.09 25.51
N GLN F 122 18.35 28.82 26.59
CA GLN F 122 18.22 30.28 26.54
C GLN F 122 19.30 30.93 25.68
N GLY F 123 20.46 30.30 25.56
CA GLY F 123 21.47 30.76 24.63
C GLY F 123 22.61 31.48 25.34
N THR F 124 23.71 31.65 24.61
CA THR F 124 24.87 32.38 25.11
C THR F 124 25.36 33.36 24.04
N GLN F 125 25.93 34.47 24.50
CA GLN F 125 26.41 35.52 23.61
C GLN F 125 27.88 35.28 23.29
N VAL F 126 28.21 35.18 22.00
CA VAL F 126 29.60 35.09 21.56
C VAL F 126 29.87 36.26 20.63
N THR F 127 30.86 37.08 20.99
CA THR F 127 31.21 38.26 20.21
C THR F 127 32.67 38.14 19.78
N VAL F 128 32.95 38.49 18.52
CA VAL F 128 34.30 38.41 17.96
C VAL F 128 34.58 39.80 17.37
N SER F 129 35.15 40.69 18.19
CA SER F 129 35.55 42.01 17.75
C SER F 129 37.03 42.19 18.02
N SER F 130 37.77 42.67 17.03
CA SER F 130 39.20 42.88 17.16
C SER F 130 39.51 44.18 17.91
C1 CLR G . -6.72 -19.06 -44.83
C2 CLR G . -7.36 -20.31 -45.46
C3 CLR G . -6.29 -21.16 -46.12
C4 CLR G . -5.36 -21.70 -45.04
C5 CLR G . -4.79 -20.54 -44.25
C6 CLR G . -3.50 -20.51 -44.05
C7 CLR G . -2.79 -19.42 -43.30
C8 CLR G . -3.79 -18.69 -42.38
C9 CLR G . -4.97 -18.24 -43.25
C10 CLR G . -5.71 -19.47 -43.75
C11 CLR G . -5.91 -17.27 -42.51
C12 CLR G . -5.17 -16.14 -41.78
C13 CLR G . -4.08 -16.69 -40.86
C14 CLR G . -3.09 -17.49 -41.76
C15 CLR G . -1.94 -17.78 -40.80
C16 CLR G . -1.81 -16.45 -40.00
C17 CLR G . -3.14 -15.67 -40.18
C18 CLR G . -4.67 -17.64 -39.80
C19 CLR G . -6.49 -20.08 -42.57
C20 CLR G . -3.72 -15.08 -38.88
C21 CLR G . -4.31 -13.68 -39.17
C22 CLR G . -2.74 -15.06 -37.69
C23 CLR G . -2.00 -13.74 -37.48
C24 CLR G . -1.16 -13.81 -36.21
C25 CLR G . -0.47 -12.46 -35.97
C26 CLR G . 0.40 -12.54 -34.71
C27 CLR G . -1.51 -11.35 -35.79
O1 CLR G . -6.92 -22.25 -46.82
C1 CLR H . -25.39 -30.08 -29.88
C2 CLR H . -25.74 -31.04 -31.03
C3 CLR H . -26.43 -30.26 -32.15
C4 CLR H . -25.39 -29.30 -32.75
C5 CLR H . -24.88 -28.39 -31.64
C6 CLR H . -24.89 -27.10 -31.87
C7 CLR H . -24.41 -26.08 -30.88
C8 CLR H . -23.53 -26.71 -29.79
C9 CLR H . -24.23 -27.96 -29.25
C10 CLR H . -24.41 -29.00 -30.36
C11 CLR H . -23.49 -28.54 -28.05
C12 CLR H . -23.27 -27.48 -26.94
C13 CLR H . -22.54 -26.25 -27.49
C14 CLR H . -23.40 -25.69 -28.66
C15 CLR H . -22.70 -24.38 -29.00
C16 CLR H . -22.42 -23.81 -27.59
C17 CLR H . -22.41 -25.01 -26.58
C18 CLR H . -21.16 -26.65 -28.04
C19 CLR H . -23.06 -29.65 -30.65
C20 CLR H . -21.17 -24.99 -25.66
C21 CLR H . -21.41 -25.75 -24.35
C22 CLR H . -20.66 -23.55 -25.34
C23 CLR H . -21.41 -22.89 -24.18
C24 CLR H . -20.83 -21.48 -23.94
C25 CLR H . -21.57 -20.80 -22.78
C26 CLR H . -20.95 -19.43 -22.52
C27 CLR H . -23.05 -20.63 -23.14
O1 CLR H . -26.87 -31.17 -33.16
C1 CLR I . -14.66 -21.52 -43.41
C2 CLR I . -15.01 -22.85 -44.10
C3 CLR I . -14.33 -22.94 -45.46
C4 CLR I . -12.82 -23.00 -45.22
C5 CLR I . -12.41 -21.75 -44.45
C6 CLR I . -11.43 -21.04 -44.94
C7 CLR I . -10.91 -19.78 -44.31
C8 CLR I . -11.32 -19.69 -42.83
C9 CLR I . -12.81 -20.00 -42.68
C10 CLR I . -13.15 -21.40 -43.19
C11 CLR I . -13.31 -19.77 -41.26
C12 CLR I . -12.94 -18.38 -40.72
C13 CLR I . -11.44 -18.07 -40.87
C14 CLR I . -11.09 -18.24 -42.39
C15 CLR I . -9.65 -17.73 -42.46
C16 CLR I . -9.72 -16.47 -41.56
C17 CLR I . -10.97 -16.62 -40.64
C18 CLR I . -10.60 -19.06 -40.05
C19 CLR I . -12.72 -22.42 -42.14
C20 CLR I . -10.69 -16.28 -39.15
C21 CLR I . -11.92 -15.63 -38.52
C22 CLR I . -9.50 -15.32 -38.98
C23 CLR I . -9.30 -14.89 -37.52
C24 CLR I . -8.18 -13.86 -37.45
C25 CLR I . -8.04 -13.33 -36.02
C26 CLR I . -6.87 -12.34 -35.96
C27 CLR I . -9.32 -12.61 -35.61
O1 CLR I . -14.76 -24.13 -46.13
C1 CLR J . -15.83 -12.89 -8.88
C2 CLR J . -14.84 -12.20 -7.94
C3 CLR J . -14.69 -13.02 -6.66
C4 CLR J . -14.03 -14.35 -7.01
C5 CLR J . -14.87 -15.05 -8.07
C6 CLR J . -15.17 -16.30 -7.87
C7 CLR J . -15.98 -17.13 -8.83
C8 CLR J . -15.96 -16.49 -10.22
C9 CLR J . -16.38 -15.02 -10.07
C10 CLR J . -15.32 -14.28 -9.27
C11 CLR J . -16.65 -14.35 -11.43
C12 CLR J . -17.53 -15.18 -12.37
C13 CLR J . -16.99 -16.61 -12.53
C14 CLR J . -16.96 -17.24 -11.11
C15 CLR J . -16.63 -18.70 -11.41
C16 CLR J . -17.49 -19.00 -12.66
C17 CLR J . -17.87 -17.62 -13.30
C18 CLR J . -15.57 -16.59 -13.11
C19 CLR J . -14.08 -14.11 -10.17
C20 CLR J . -17.69 -17.56 -14.83
C21 CLR J . -18.79 -16.71 -15.46
C22 CLR J . -17.59 -18.95 -15.52
C23 CLR J . -18.94 -19.51 -16.03
C24 CLR J . -18.70 -20.85 -16.72
C25 CLR J . -20.02 -21.41 -17.28
C26 CLR J . -21.02 -21.63 -16.13
C27 CLR J . -20.61 -20.44 -18.31
O1 CLR J . -13.87 -12.30 -5.73
C1 PLM K . -7.28 -42.10 -14.00
O1 PLM K . -7.88 -43.11 -13.58
O2 PLM K . -7.27 -41.83 -15.23
C2 PLM K . -6.56 -41.18 -13.01
C3 PLM K . -7.38 -39.94 -12.66
C4 PLM K . -6.57 -38.90 -11.91
C5 PLM K . -7.41 -37.73 -11.41
C6 PLM K . -6.58 -36.74 -10.59
C7 PLM K . -7.41 -35.58 -10.04
C8 PLM K . -6.52 -34.55 -9.33
C9 PLM K . -7.31 -33.66 -8.38
CA PLM K . -6.39 -32.85 -7.48
CB PLM K . -7.15 -32.14 -6.36
CC PLM K . -6.21 -31.40 -5.40
CD PLM K . -6.98 -30.56 -4.38
CE PLM K . -6.04 -29.65 -3.58
CF PLM K . -6.82 -28.71 -2.66
CG PLM K . -5.90 -27.67 -2.01
C1 PLM L . -22.10 -43.55 -20.06
O1 PLM L . -21.18 -44.41 -19.93
O2 PLM L . -23.27 -43.83 -19.69
C2 PLM L . -21.79 -42.19 -20.66
C3 PLM L . -21.46 -41.14 -19.59
C4 PLM L . -21.39 -39.74 -20.18
C5 PLM L . -20.85 -38.72 -19.17
C6 PLM L . -20.86 -37.30 -19.72
C7 PLM L . -20.17 -36.30 -18.80
C8 PLM L . -20.30 -34.86 -19.28
C9 PLM L . -19.44 -33.90 -18.47
CA PLM L . -19.71 -32.44 -18.84
CB PLM L . -18.82 -31.48 -18.05
CC PLM L . -19.31 -30.03 -18.14
CD PLM L . -18.47 -29.08 -17.30
CE PLM L . -19.08 -27.69 -17.20
CF PLM L . -18.22 -26.72 -16.39
CG PLM L . -18.88 -25.36 -16.21
C1 PLM M . -10.34 5.38 -25.78
O1 PLM M . -10.70 5.83 -26.89
O2 PLM M . -9.31 5.84 -25.22
C2 PLM M . -11.15 4.28 -25.09
C3 PLM M . -10.96 2.92 -25.75
C4 PLM M . -11.90 1.87 -25.17
C5 PLM M . -11.82 0.54 -25.94
C6 PLM M . -12.77 -0.50 -25.37
C7 PLM M . -12.65 -1.85 -26.08
C8 PLM M . -13.60 -2.89 -25.48
C9 PLM M . -13.69 -4.16 -26.34
CA PLM M . -14.75 -5.12 -25.82
CB PLM M . -14.84 -6.41 -26.63
CC PLM M . -15.76 -7.43 -25.98
CD PLM M . -16.23 -8.50 -26.96
CE PLM M . -17.33 -9.38 -26.37
CF PLM M . -17.93 -10.33 -27.39
CG PLM M . -19.16 -11.06 -26.85
C1 PLM N . -24.43 -23.15 -44.62
O1 PLM N . -24.29 -22.67 -45.77
O2 PLM N . -24.80 -24.34 -44.47
C2 PLM N . -24.16 -22.27 -43.39
C3 PLM N . -22.73 -22.44 -42.87
C4 PLM N . -22.47 -21.62 -41.62
C5 PLM N . -21.00 -21.62 -41.20
C6 PLM N . -20.71 -20.62 -40.08
C7 PLM N . -19.22 -20.44 -39.85
C8 PLM N . -18.92 -19.30 -38.88
C9 PLM N . -17.43 -18.96 -38.84
CA PLM N . -17.18 -17.57 -38.25
CB PLM N . -15.73 -17.11 -38.44
CC PLM N . -15.62 -15.85 -39.30
CD PLM N . -15.96 -16.11 -40.76
CE PLM N . -15.57 -14.93 -41.66
CF PLM N . -14.07 -14.66 -41.64
CG PLM N . -13.69 -13.45 -42.50
C1 PLM O . -6.44 14.21 -24.37
O1 PLM O . -6.23 14.79 -25.47
O2 PLM O . -7.43 14.54 -23.66
C2 PLM O . -5.50 13.10 -23.89
C3 PLM O . -5.89 11.74 -24.47
C4 PLM O . -5.13 10.59 -23.80
C5 PLM O . -5.30 9.28 -24.56
C6 PLM O . -5.03 8.06 -23.68
C7 PLM O . -5.20 6.75 -24.46
C8 PLM O . -5.45 5.56 -23.53
C9 PLM O . -5.51 4.25 -24.32
CA PLM O . -5.88 3.06 -23.43
CB PLM O . -5.61 1.72 -24.12
CC PLM O . -6.19 0.53 -23.37
CD PLM O . -7.71 0.44 -23.49
CE PLM O . -8.27 -0.82 -22.86
CF PLM O . -9.67 -1.14 -23.35
CG PLM O . -10.35 -2.25 -22.57
C1 PLM P . -2.44 -25.78 -44.74
O1 PLM P . -2.84 -26.70 -43.99
O2 PLM P . -2.18 -26.02 -45.95
C2 PLM P . -2.26 -24.36 -44.19
C3 PLM P . -0.95 -24.20 -43.42
C4 PLM P . -0.78 -22.79 -42.86
C5 PLM P . 0.47 -22.66 -41.99
C6 PLM P . 0.55 -21.29 -41.30
C7 PLM P . 1.49 -21.30 -40.11
C8 PLM P . 1.27 -20.10 -39.19
C9 PLM P . 2.13 -20.16 -37.93
CA PLM P . 1.85 -18.98 -36.99
CB PLM P . 2.84 -18.92 -35.83
CC PLM P . 2.63 -17.67 -34.97
CD PLM P . 3.70 -17.52 -33.90
CE PLM P . 3.58 -16.19 -33.14
CF PLM P . 3.63 -14.99 -34.06
CG PLM P . 3.74 -13.67 -33.28
#